data_9N67
#
_entry.id   9N67
#
_cell.length_a   61.980
_cell.length_b   105.456
_cell.length_c   106.095
_cell.angle_alpha   90.000
_cell.angle_beta   90.000
_cell.angle_gamma   90.000
#
_symmetry.space_group_name_H-M   'P 21 21 21'
#
loop_
_entity.id
_entity.type
_entity.pdbx_description
1 polymer 'Dihydroorotate dehydrogenase'
2 non-polymer 'FLAVIN MONONUCLEOTIDE'
3 non-polymer 'OROTIC ACID'
4 non-polymer 'SULFATE ION'
5 non-polymer GLYCEROL
6 water water
#
_entity_poly.entity_id   1
_entity_poly.type   'polypeptide(L)'
_entity_poly.pdbx_seq_one_letter_code
;MGSSHHHHHHSSGLVPRGSHMASMTGGGQMGRGSMSLQVGILGNTFANPFMNAAGVMCSTEEELAAMTESTSGSLITKSC
TPALREGNPAPRYYTLPLGSINSMGLPNKGFDFYLAYSARHHDYSRKPLFISISGFSAEENAEMCKRLAPVAAEKGVILE
LNLSCPNVPGKPQVAYDFDAMRRYLAAISEAYPHPFGVKMPPYFDFAHFDAAAEILNQFPKVQFITCINSIGNGLVIDVE
TESVVIKPKQGFGGLGGRYVFPTALANVNAFYRRCPGKLIFGCGGVYTGEDAFLHVLAGASMVQVGTALHEEGAAIFERL
TAELLDVMAKKGYKALDEFRGKVKAMD
;
_entity_poly.pdbx_strand_id   A,B
#
loop_
_chem_comp.id
_chem_comp.type
_chem_comp.name
_chem_comp.formula
FMN non-polymer 'FLAVIN MONONUCLEOTIDE' 'C17 H21 N4 O9 P'
GOL non-polymer GLYCEROL 'C3 H8 O3'
ORO non-polymer 'OROTIC ACID' 'C5 H4 N2 O4'
SO4 non-polymer 'SULFATE ION' 'O4 S -2'
#
# COMPACT_ATOMS: atom_id res chain seq x y z
N SER A 34 25.72 24.36 18.01
CA SER A 34 24.67 25.20 17.40
C SER A 34 23.44 24.36 16.96
N MET A 35 23.68 23.22 16.32
CA MET A 35 22.63 22.33 15.81
C MET A 35 22.36 21.23 16.83
N SER A 36 21.10 20.81 16.93
CA SER A 36 20.72 19.76 17.86
C SER A 36 19.65 18.86 17.23
N LEU A 37 19.74 17.56 17.49
CA LEU A 37 18.69 16.63 17.12
C LEU A 37 17.74 16.40 18.28
N GLN A 38 17.90 17.16 19.35
CA GLN A 38 17.10 16.89 20.54
C GLN A 38 15.61 17.05 20.24
N VAL A 39 14.81 16.26 20.94
CA VAL A 39 13.34 16.28 20.86
C VAL A 39 12.80 16.30 22.30
N GLY A 40 12.07 17.35 22.64
CA GLY A 40 11.58 17.40 24.00
C GLY A 40 10.11 17.06 24.01
N ILE A 41 9.74 15.85 24.43
CA ILE A 41 8.33 15.47 24.41
C ILE A 41 8.04 14.49 25.54
N LEU A 42 6.76 14.41 25.86
CA LEU A 42 6.30 13.52 26.91
C LEU A 42 7.09 13.77 28.18
N GLY A 43 7.50 15.03 28.40
CA GLY A 43 8.29 15.38 29.58
C GLY A 43 9.71 14.83 29.64
N ASN A 44 10.28 14.45 28.51
CA ASN A 44 11.63 13.92 28.44
C ASN A 44 12.38 14.71 27.38
N THR A 45 13.71 14.80 27.51
CA THR A 45 14.57 15.27 26.43
C THR A 45 15.15 14.02 25.77
N PHE A 46 14.77 13.77 24.53
CA PHE A 46 15.40 12.71 23.75
C PHE A 46 16.64 13.27 23.04
N ALA A 47 17.76 12.51 23.04
CA ALA A 47 18.99 13.01 22.42
C ALA A 47 18.81 13.25 20.93
N ASN A 48 18.00 12.42 20.28
CA ASN A 48 17.71 12.54 18.86
C ASN A 48 16.39 11.80 18.62
N PRO A 49 15.79 11.94 17.43
CA PRO A 49 14.46 11.33 17.22
C PRO A 49 14.45 9.86 16.84
N PHE A 50 15.60 9.17 16.75
CA PHE A 50 15.62 7.82 16.22
C PHE A 50 15.39 6.78 17.31
N MET A 51 14.73 5.70 16.90
CA MET A 51 14.44 4.54 17.71
C MET A 51 14.13 3.37 16.77
N ASN A 52 14.26 2.16 17.29
CA ASN A 52 13.76 1.01 16.55
C ASN A 52 12.24 1.09 16.40
N ALA A 53 11.74 0.48 15.34
CA ALA A 53 10.34 0.20 15.19
C ALA A 53 9.99 -1.00 16.07
N ALA A 54 8.79 -1.01 16.62
CA ALA A 54 8.45 -2.15 17.46
C ALA A 54 8.61 -3.44 16.67
N GLY A 55 9.14 -4.48 17.34
CA GLY A 55 9.30 -5.78 16.73
C GLY A 55 10.66 -6.04 16.12
N VAL A 56 11.45 -5.01 15.87
CA VAL A 56 12.75 -5.17 15.27
C VAL A 56 13.80 -4.97 16.36
N MET A 57 14.59 -6.03 16.60
CA MET A 57 15.75 -5.98 17.51
C MET A 57 15.33 -5.52 18.92
N CYS A 58 14.33 -6.18 19.46
CA CYS A 58 13.80 -5.74 20.76
C CYS A 58 13.02 -6.83 21.47
N SER A 59 13.33 -8.10 21.18
CA SER A 59 12.56 -9.18 21.79
C SER A 59 13.30 -9.87 22.95
N THR A 60 14.63 -9.92 22.91
CA THR A 60 15.44 -10.61 23.90
C THR A 60 16.17 -9.61 24.79
N GLU A 61 16.59 -10.07 25.98
CA GLU A 61 17.42 -9.20 26.83
C GLU A 61 18.60 -8.66 26.06
N GLU A 62 19.23 -9.50 25.23
CA GLU A 62 20.43 -9.06 24.50
C GLU A 62 20.11 -8.01 23.45
N GLU A 63 18.98 -8.14 22.76
CA GLU A 63 18.64 -7.12 21.76
C GLU A 63 18.33 -5.78 22.43
N LEU A 64 17.58 -5.82 23.52
CA LEU A 64 17.26 -4.61 24.25
C LEU A 64 18.52 -3.92 24.77
N ALA A 65 19.51 -4.71 25.17
CA ALA A 65 20.77 -4.14 25.63
C ALA A 65 21.52 -3.47 24.47
N ALA A 66 21.61 -4.17 23.33
CA ALA A 66 22.24 -3.58 22.15
C ALA A 66 21.54 -2.29 21.76
N MET A 67 20.21 -2.27 21.85
CA MET A 67 19.53 -1.04 21.46
C MET A 67 19.82 0.04 22.49
N THR A 68 19.90 -0.33 23.78
CA THR A 68 20.21 0.65 24.82
C THR A 68 21.62 1.19 24.68
N GLU A 69 22.57 0.31 24.30
CA GLU A 69 23.96 0.70 24.10
C GLU A 69 24.17 1.49 22.81
N SER A 70 23.24 1.40 21.86
CA SER A 70 23.35 2.11 20.60
C SER A 70 23.19 3.61 20.82
N THR A 71 23.44 4.40 19.76
CA THR A 71 23.26 5.85 19.86
C THR A 71 21.81 6.29 19.60
N SER A 72 20.85 5.37 19.52
CA SER A 72 19.44 5.75 19.31
C SER A 72 18.93 6.64 20.42
N GLY A 73 18.06 7.61 20.04
CA GLY A 73 17.40 8.48 21.02
C GLY A 73 16.50 7.73 21.99
N SER A 74 15.99 6.58 21.60
CA SER A 74 15.11 5.79 22.42
C SER A 74 15.05 4.38 21.83
N LEU A 75 14.18 3.55 22.40
CA LEU A 75 13.97 2.19 21.96
C LEU A 75 12.60 1.78 22.46
N ILE A 76 12.05 0.74 21.83
CA ILE A 76 10.73 0.22 22.18
C ILE A 76 10.81 -1.30 22.15
N THR A 77 10.03 -1.96 23.03
CA THR A 77 10.02 -3.42 23.12
C THR A 77 9.19 -4.06 21.99
N LYS A 78 9.42 -5.36 21.78
CA LYS A 78 8.52 -6.15 20.94
C LYS A 78 7.10 -6.04 21.49
N SER A 79 6.11 -5.93 20.59
CA SER A 79 4.73 -5.99 21.06
C SER A 79 4.52 -7.28 21.82
N CYS A 80 4.10 -7.18 23.07
CA CYS A 80 3.95 -8.37 23.88
C CYS A 80 2.47 -8.67 24.18
N THR A 81 2.28 -9.90 24.61
CA THR A 81 0.96 -10.46 24.88
C THR A 81 1.00 -11.02 26.29
N PRO A 82 -0.18 -11.27 26.88
CA PRO A 82 -0.22 -11.71 28.28
C PRO A 82 0.65 -12.92 28.55
N ALA A 83 0.67 -13.90 27.65
CA ALA A 83 1.54 -15.07 27.80
C ALA A 83 2.60 -15.08 26.70
N LEU A 84 3.66 -15.86 26.94
CA LEU A 84 4.69 -16.04 25.91
C LEU A 84 4.06 -16.61 24.63
N ARG A 85 4.67 -16.29 23.48
CA ARG A 85 4.19 -16.80 22.20
C ARG A 85 5.40 -17.22 21.40
N GLU A 86 5.35 -18.41 20.78
CA GLU A 86 6.44 -18.83 19.91
C GLU A 86 6.37 -18.15 18.54
N GLY A 87 5.20 -17.62 18.18
CA GLY A 87 5.05 -16.98 16.88
C GLY A 87 4.82 -18.00 15.78
N ASN A 88 4.74 -17.50 14.55
CA ASN A 88 4.33 -18.32 13.43
C ASN A 88 5.44 -19.28 13.02
N PRO A 89 5.11 -20.32 12.27
CA PRO A 89 6.14 -21.19 11.68
C PRO A 89 7.00 -20.43 10.66
N ALA A 90 8.33 -20.71 10.70
CA ALA A 90 9.25 -20.08 9.76
C ALA A 90 9.30 -20.86 8.44
N PRO A 91 9.84 -20.23 7.36
CA PRO A 91 10.37 -18.85 7.33
C PRO A 91 9.19 -17.88 7.47
N ARG A 92 9.37 -16.82 8.27
CA ARG A 92 8.31 -15.86 8.51
C ARG A 92 8.79 -14.43 8.32
N TYR A 93 10.06 -14.22 8.04
CA TYR A 93 10.63 -12.94 7.60
C TYR A 93 11.35 -13.21 6.30
N TYR A 94 11.31 -12.25 5.39
CA TYR A 94 12.03 -12.46 4.13
C TYR A 94 12.53 -11.12 3.64
N THR A 95 13.84 -11.02 3.43
CA THR A 95 14.45 -9.81 2.87
C THR A 95 14.09 -9.67 1.40
N LEU A 96 13.62 -8.49 1.02
CA LEU A 96 13.38 -8.23 -0.38
C LEU A 96 14.31 -7.14 -0.89
N PRO A 97 14.44 -6.99 -2.21
CA PRO A 97 15.39 -6.01 -2.70
C PRO A 97 14.94 -4.60 -2.35
N LEU A 98 13.64 -4.36 -2.32
CA LEU A 98 13.15 -3.06 -1.92
C LEU A 98 12.63 -3.01 -0.47
N GLY A 99 12.85 -4.05 0.35
CA GLY A 99 12.30 -4.04 1.69
C GLY A 99 12.15 -5.40 2.37
N SER A 100 11.00 -5.62 3.00
CA SER A 100 10.78 -6.83 3.78
C SER A 100 9.32 -7.22 3.74
N ILE A 101 9.07 -8.53 3.95
CA ILE A 101 7.74 -9.06 4.18
C ILE A 101 7.84 -9.94 5.42
N ASN A 102 6.85 -9.85 6.29
CA ASN A 102 6.94 -10.64 7.52
C ASN A 102 5.57 -11.12 7.96
N SER A 103 5.56 -12.31 8.52
CA SER A 103 4.40 -12.81 9.23
C SER A 103 4.91 -13.42 10.55
N MET A 104 5.50 -12.58 11.39
CA MET A 104 6.13 -13.04 12.62
C MET A 104 5.14 -13.81 13.50
N GLY A 105 3.94 -13.28 13.69
CA GLY A 105 2.98 -13.90 14.58
C GLY A 105 3.10 -13.49 16.04
N LEU A 106 3.60 -12.28 16.32
CA LEU A 106 3.78 -11.78 17.67
C LEU A 106 4.55 -12.76 18.57
N PRO A 107 5.70 -13.26 18.11
CA PRO A 107 6.53 -14.07 19.00
C PRO A 107 7.13 -13.15 20.05
N ASN A 108 6.91 -13.48 21.32
CA ASN A 108 7.45 -12.61 22.37
C ASN A 108 7.56 -13.38 23.68
N LYS A 109 8.37 -12.83 24.58
CA LYS A 109 8.68 -13.51 25.85
C LYS A 109 7.57 -13.38 26.89
N GLY A 110 6.46 -12.75 26.55
CA GLY A 110 5.34 -12.52 27.47
C GLY A 110 5.45 -11.18 28.18
N PHE A 111 4.29 -10.62 28.49
CA PHE A 111 4.22 -9.29 29.10
C PHE A 111 5.04 -9.22 30.39
N ASP A 112 5.01 -10.30 31.20
CA ASP A 112 5.73 -10.27 32.47
C ASP A 112 7.20 -9.97 32.24
N PHE A 113 7.79 -10.54 31.18
CA PHE A 113 9.20 -10.31 30.92
C PHE A 113 9.49 -8.85 30.58
N TYR A 114 8.66 -8.25 29.71
CA TYR A 114 8.93 -6.87 29.29
C TYR A 114 8.62 -5.91 30.43
N LEU A 115 7.65 -6.26 31.26
CA LEU A 115 7.38 -5.48 32.46
C LEU A 115 8.55 -5.57 33.44
N ALA A 116 9.09 -6.79 33.65
CA ALA A 116 10.27 -6.95 34.50
C ALA A 116 11.48 -6.23 33.92
N TYR A 117 11.66 -6.29 32.59
CA TYR A 117 12.72 -5.50 31.97
C TYR A 117 12.53 -4.02 32.27
N SER A 118 11.29 -3.52 32.15
CA SER A 118 11.03 -2.09 32.38
C SER A 118 11.19 -1.75 33.85
N ALA A 119 10.83 -2.68 34.72
CA ALA A 119 10.87 -2.46 36.17
C ALA A 119 12.30 -2.41 36.70
N ARG A 120 13.15 -3.34 36.26
CA ARG A 120 14.45 -3.54 36.92
C ARG A 120 15.67 -3.41 36.01
N HIS A 121 15.60 -3.81 34.73
CA HIS A 121 16.82 -4.01 33.97
C HIS A 121 17.15 -2.89 32.99
N HIS A 122 16.19 -2.06 32.63
CA HIS A 122 16.52 -1.00 31.70
C HIS A 122 17.20 0.16 32.42
N ASP A 123 18.39 0.54 31.93
CA ASP A 123 19.08 1.70 32.43
C ASP A 123 18.42 2.96 31.88
N TYR A 124 17.53 3.56 32.65
CA TYR A 124 16.89 4.78 32.16
C TYR A 124 17.85 5.95 32.08
N SER A 125 19.02 5.89 32.73
CA SER A 125 19.99 6.97 32.55
C SER A 125 20.57 6.99 31.14
N ARG A 126 20.45 5.91 30.38
CA ARG A 126 20.89 5.91 28.98
C ARG A 126 19.87 6.62 28.09
N LYS A 127 18.62 6.21 28.15
CA LYS A 127 17.59 6.78 27.28
C LYS A 127 16.21 6.30 27.77
N PRO A 128 15.16 7.06 27.44
CA PRO A 128 13.78 6.63 27.73
C PRO A 128 13.41 5.33 27.04
N LEU A 129 12.40 4.63 27.61
CA LEU A 129 11.95 3.33 27.13
C LEU A 129 10.46 3.33 26.83
N PHE A 130 10.07 2.81 25.65
CA PHE A 130 8.67 2.56 25.35
C PHE A 130 8.43 1.06 25.44
N ILE A 131 7.21 0.68 25.82
CA ILE A 131 6.79 -0.70 25.88
C ILE A 131 5.57 -0.82 24.96
N SER A 132 5.58 -1.81 24.07
CA SER A 132 4.46 -2.04 23.17
C SER A 132 3.67 -3.24 23.66
N ILE A 133 2.33 -3.11 23.66
CA ILE A 133 1.45 -4.19 24.07
C ILE A 133 0.47 -4.44 22.92
N SER A 134 0.18 -5.71 22.69
CA SER A 134 -0.72 -6.07 21.62
C SER A 134 -1.58 -7.24 22.10
N GLY A 135 -2.37 -6.99 23.14
CA GLY A 135 -3.33 -7.98 23.58
C GLY A 135 -4.40 -8.26 22.55
N PHE A 136 -5.00 -9.44 22.66
CA PHE A 136 -6.00 -9.89 21.70
C PHE A 136 -7.43 -9.45 22.05
N SER A 137 -7.62 -8.63 23.08
CA SER A 137 -8.94 -8.06 23.33
C SER A 137 -8.73 -6.79 24.13
N ALA A 138 -9.82 -6.08 24.35
CA ALA A 138 -9.76 -4.88 25.17
C ALA A 138 -9.45 -5.21 26.63
N GLU A 139 -10.05 -6.28 27.16
CA GLU A 139 -9.79 -6.65 28.56
C GLU A 139 -8.36 -7.13 28.76
N GLU A 140 -7.81 -7.87 27.78
CA GLU A 140 -6.40 -8.27 27.88
C GLU A 140 -5.49 -7.05 27.95
N ASN A 141 -5.75 -6.04 27.12
CA ASN A 141 -4.91 -4.84 27.15
C ASN A 141 -5.10 -4.08 28.45
N ALA A 142 -6.35 -3.96 28.91
CA ALA A 142 -6.60 -3.28 30.17
C ALA A 142 -5.87 -3.95 31.33
N GLU A 143 -5.95 -5.27 31.45
CA GLU A 143 -5.34 -5.92 32.61
C GLU A 143 -3.82 -5.79 32.56
N MET A 144 -3.26 -5.74 31.35
CA MET A 144 -1.83 -5.50 31.21
C MET A 144 -1.50 -4.08 31.63
N CYS A 145 -2.34 -3.11 31.24
CA CYS A 145 -2.10 -1.71 31.58
C CYS A 145 -2.16 -1.48 33.08
N LYS A 146 -3.13 -2.12 33.75
CA LYS A 146 -3.21 -2.06 35.21
C LYS A 146 -1.89 -2.50 35.84
N ARG A 147 -1.38 -3.66 35.43
N ARG A 147 -1.37 -3.66 35.42
CA ARG A 147 -0.09 -4.13 35.95
CA ARG A 147 -0.09 -4.11 35.97
C ARG A 147 1.02 -3.14 35.60
C ARG A 147 1.05 -3.19 35.56
N LEU A 148 0.95 -2.53 34.41
CA LEU A 148 2.00 -1.61 33.98
C LEU A 148 1.95 -0.27 34.70
N ALA A 149 0.81 0.17 35.21
CA ALA A 149 0.73 1.53 35.73
C ALA A 149 1.65 1.82 36.91
N PRO A 150 1.86 0.91 37.88
CA PRO A 150 2.89 1.17 38.91
C PRO A 150 4.27 1.41 38.31
N VAL A 151 4.66 0.60 37.32
CA VAL A 151 6.02 0.68 36.77
C VAL A 151 6.20 1.95 35.95
N ALA A 152 5.18 2.32 35.16
CA ALA A 152 5.21 3.61 34.46
C ALA A 152 5.45 4.77 35.43
N ALA A 153 4.71 4.77 36.54
CA ALA A 153 4.82 5.87 37.50
C ALA A 153 6.19 5.90 38.18
N GLU A 154 6.72 4.73 38.56
CA GLU A 154 7.99 4.69 39.28
C GLU A 154 9.17 4.91 38.36
N LYS A 155 9.18 4.25 37.19
CA LYS A 155 10.33 4.21 36.30
C LYS A 155 10.19 5.00 35.00
N GLY A 156 8.96 5.34 34.56
CA GLY A 156 8.80 6.27 33.43
C GLY A 156 8.68 5.62 32.05
N VAL A 157 8.66 4.29 31.97
CA VAL A 157 8.38 3.61 30.71
C VAL A 157 7.08 4.18 30.12
N ILE A 158 7.01 4.27 28.80
CA ILE A 158 5.87 4.88 28.11
C ILE A 158 5.18 3.81 27.26
N LEU A 159 3.85 3.77 27.31
CA LEU A 159 3.13 2.72 26.59
C LEU A 159 2.78 3.15 25.16
N GLU A 160 3.00 2.24 24.19
CA GLU A 160 2.49 2.33 22.81
C GLU A 160 1.52 1.17 22.62
N LEU A 161 0.27 1.48 22.32
CA LEU A 161 -0.76 0.44 22.17
C LEU A 161 -0.83 0.04 20.69
N ASN A 162 -0.59 -1.24 20.42
CA ASN A 162 -0.56 -1.73 19.05
C ASN A 162 -2.00 -2.00 18.61
N LEU A 163 -2.53 -1.17 17.73
CA LEU A 163 -3.87 -1.41 17.17
C LEU A 163 -3.83 -1.94 15.75
N SER A 164 -2.69 -2.44 15.29
CA SER A 164 -2.55 -2.66 13.85
C SER A 164 -1.74 -3.90 13.50
N CYS A 165 -1.69 -4.90 14.39
CA CYS A 165 -0.99 -6.16 14.03
C CYS A 165 -1.75 -6.91 12.94
N PRO A 166 -1.14 -7.18 11.74
CA PRO A 166 -1.91 -7.82 10.67
C PRO A 166 -1.61 -9.29 10.40
N ASN A 167 -0.96 -10.00 11.35
CA ASN A 167 -0.39 -11.32 11.09
C ASN A 167 -0.90 -12.41 12.05
N VAL A 168 -2.05 -12.20 12.71
CA VAL A 168 -2.60 -13.18 13.66
C VAL A 168 -4.07 -13.45 13.36
N GLN A 173 -6.80 -6.29 12.49
CA GLN A 173 -6.35 -4.93 12.81
C GLN A 173 -7.53 -4.17 13.43
N VAL A 174 -7.41 -3.90 14.74
CA VAL A 174 -8.48 -3.23 15.47
C VAL A 174 -8.76 -1.85 14.89
N ALA A 175 -7.72 -1.15 14.39
CA ALA A 175 -7.85 0.20 13.86
C ALA A 175 -8.45 0.24 12.46
N TYR A 176 -8.68 -0.90 11.81
CA TYR A 176 -9.48 -0.91 10.58
C TYR A 176 -10.97 -1.08 10.87
N ASP A 177 -11.35 -1.20 12.14
CA ASP A 177 -12.74 -1.19 12.60
C ASP A 177 -12.94 -0.10 13.65
N PHE A 178 -13.61 0.98 13.28
CA PHE A 178 -13.57 2.17 14.12
C PHE A 178 -14.34 1.99 15.42
N ASP A 179 -15.45 1.24 15.37
CA ASP A 179 -16.18 1.00 16.60
C ASP A 179 -15.32 0.25 17.61
N ALA A 180 -14.56 -0.74 17.14
CA ALA A 180 -13.70 -1.49 18.05
C ALA A 180 -12.55 -0.62 18.55
N MET A 181 -12.04 0.27 17.71
CA MET A 181 -10.92 1.06 18.17
C MET A 181 -11.37 2.09 19.19
N ARG A 182 -12.56 2.66 19.00
CA ARG A 182 -13.12 3.52 20.04
C ARG A 182 -13.25 2.77 21.37
N ARG A 183 -13.68 1.50 21.32
CA ARG A 183 -13.93 0.77 22.56
C ARG A 183 -12.64 0.38 23.26
N TYR A 184 -11.61 0.02 22.48
CA TYR A 184 -10.28 -0.22 23.05
C TYR A 184 -9.79 1.01 23.78
N LEU A 185 -9.83 2.17 23.11
CA LEU A 185 -9.27 3.40 23.69
C LEU A 185 -10.04 3.81 24.93
N ALA A 186 -11.36 3.57 24.94
CA ALA A 186 -12.14 3.84 26.14
C ALA A 186 -11.72 2.90 27.27
N ALA A 187 -11.56 1.61 26.97
CA ALA A 187 -11.19 0.67 28.02
C ALA A 187 -9.81 1.00 28.58
N ILE A 188 -8.89 1.38 27.70
CA ILE A 188 -7.54 1.71 28.15
C ILE A 188 -7.56 2.98 28.98
N SER A 189 -8.25 4.03 28.50
CA SER A 189 -8.29 5.30 29.23
C SER A 189 -8.88 5.15 30.63
N GLU A 190 -9.78 4.18 30.83
CA GLU A 190 -10.37 3.97 32.15
C GLU A 190 -9.44 3.16 33.04
N ALA A 191 -8.62 2.29 32.45
CA ALA A 191 -7.79 1.38 33.23
C ALA A 191 -6.38 1.90 33.48
N TYR A 192 -5.97 2.97 32.81
CA TYR A 192 -4.55 3.35 32.76
C TYR A 192 -4.44 4.82 33.10
N PRO A 193 -3.86 5.16 34.22
CA PRO A 193 -3.80 6.55 34.67
C PRO A 193 -2.53 7.23 34.19
N HIS A 194 -2.19 7.04 32.92
CA HIS A 194 -1.00 7.65 32.36
C HIS A 194 -1.29 7.91 30.90
N PRO A 195 -0.63 8.88 30.30
CA PRO A 195 -0.71 9.03 28.84
C PRO A 195 -0.12 7.80 28.15
N PHE A 196 -0.56 7.61 26.90
CA PHE A 196 0.00 6.54 26.09
C PHE A 196 -0.10 6.91 24.62
N GLY A 197 0.43 6.04 23.74
CA GLY A 197 0.31 6.27 22.31
C GLY A 197 -0.29 5.07 21.61
N VAL A 198 -0.58 5.24 20.31
CA VAL A 198 -1.22 4.20 19.50
C VAL A 198 -0.42 3.97 18.22
N LYS A 199 -0.15 2.71 17.89
CA LYS A 199 0.50 2.35 16.63
C LYS A 199 -0.58 2.08 15.58
N MET A 200 -0.58 2.88 14.52
CA MET A 200 -1.73 2.95 13.61
C MET A 200 -1.39 2.14 12.35
N PRO A 201 -2.36 1.48 11.73
CA PRO A 201 -2.13 0.88 10.38
C PRO A 201 -2.19 1.97 9.33
N PRO A 202 -1.68 1.72 8.11
CA PRO A 202 -1.83 2.75 7.07
C PRO A 202 -3.28 2.84 6.57
N TYR A 203 -3.72 4.07 6.32
CA TYR A 203 -4.99 4.34 5.65
C TYR A 203 -4.69 4.90 4.27
N PHE A 204 -5.70 4.81 3.36
CA PHE A 204 -5.48 5.14 1.97
C PHE A 204 -6.51 6.11 1.40
N ASP A 205 -7.32 6.75 2.22
CA ASP A 205 -8.22 7.78 1.70
C ASP A 205 -8.60 8.71 2.84
N PHE A 206 -9.07 9.91 2.47
CA PHE A 206 -9.33 10.95 3.46
C PHE A 206 -10.55 10.62 4.32
N ALA A 207 -11.50 9.83 3.81
CA ALA A 207 -12.61 9.44 4.66
C ALA A 207 -12.11 8.64 5.87
N HIS A 208 -11.10 7.77 5.67
CA HIS A 208 -10.57 7.00 6.78
C HIS A 208 -9.67 7.84 7.67
N PHE A 209 -8.87 8.75 7.09
CA PHE A 209 -8.08 9.68 7.89
C PHE A 209 -8.96 10.48 8.84
N ASP A 210 -10.04 11.08 8.30
CA ASP A 210 -10.99 11.86 9.12
C ASP A 210 -11.63 11.00 10.20
N ALA A 211 -12.10 9.81 9.84
CA ALA A 211 -12.80 9.02 10.82
C ALA A 211 -11.85 8.58 11.92
N ALA A 212 -10.62 8.20 11.58
CA ALA A 212 -9.68 7.77 12.63
C ALA A 212 -9.33 8.96 13.53
N ALA A 213 -9.08 10.10 12.94
CA ALA A 213 -8.69 11.27 13.73
C ALA A 213 -9.82 11.69 14.65
N GLU A 214 -11.07 11.69 14.12
CA GLU A 214 -12.20 12.07 14.94
C GLU A 214 -12.27 11.21 16.19
N ILE A 215 -11.94 9.93 16.09
CA ILE A 215 -11.96 9.06 17.26
C ILE A 215 -10.80 9.37 18.19
N LEU A 216 -9.57 9.42 17.66
CA LEU A 216 -8.38 9.70 18.47
C LEU A 216 -8.50 11.01 19.23
N ASN A 217 -9.04 12.03 18.58
CA ASN A 217 -9.21 13.34 19.19
C ASN A 217 -10.22 13.35 20.35
N GLN A 218 -10.94 12.25 20.59
CA GLN A 218 -11.85 12.18 21.72
C GLN A 218 -11.16 11.69 22.98
N PHE A 219 -9.89 11.29 22.89
CA PHE A 219 -9.21 10.62 23.97
C PHE A 219 -7.95 11.42 24.31
N PRO A 220 -8.04 12.33 25.30
CA PRO A 220 -6.85 13.14 25.64
C PRO A 220 -5.69 12.33 26.16
N LYS A 221 -5.88 11.12 26.72
CA LYS A 221 -4.71 10.37 27.18
C LYS A 221 -3.85 9.87 26.02
N VAL A 222 -4.39 9.85 24.81
CA VAL A 222 -3.61 9.43 23.64
C VAL A 222 -2.73 10.63 23.26
N GLN A 223 -1.49 10.65 23.71
CA GLN A 223 -0.63 11.81 23.41
C GLN A 223 0.26 11.63 22.20
N PHE A 224 0.39 10.41 21.65
CA PHE A 224 1.10 10.33 20.38
C PHE A 224 0.47 9.24 19.54
N ILE A 225 0.67 9.37 18.25
CA ILE A 225 0.18 8.44 17.23
C ILE A 225 1.38 8.02 16.40
N THR A 226 1.61 6.70 16.26
CA THR A 226 2.72 6.23 15.43
C THR A 226 2.18 5.76 14.08
N CYS A 227 2.66 6.38 13.00
CA CYS A 227 2.25 6.06 11.62
C CYS A 227 3.51 5.69 10.86
N ILE A 228 3.63 4.44 10.37
CA ILE A 228 2.69 3.35 10.27
C ILE A 228 3.28 2.01 10.58
N ASN A 229 2.37 1.10 10.90
CA ASN A 229 2.66 -0.31 10.89
C ASN A 229 2.79 -0.75 9.43
N SER A 230 3.13 -2.01 9.23
N SER A 230 3.07 -2.03 9.23
CA SER A 230 3.41 -2.49 7.87
CA SER A 230 3.33 -2.54 7.89
C SER A 230 2.15 -2.41 7.02
C SER A 230 2.10 -2.31 7.00
N ILE A 231 2.34 -2.30 5.69
CA ILE A 231 1.23 -2.40 4.74
C ILE A 231 0.82 -3.87 4.67
N GLY A 232 -0.41 -4.16 5.07
CA GLY A 232 -0.77 -5.53 5.37
C GLY A 232 -1.02 -6.38 4.16
N ASN A 233 -0.74 -7.69 4.30
CA ASN A 233 -1.16 -8.73 3.36
C ASN A 233 -0.71 -8.47 1.92
N GLY A 234 0.56 -8.11 1.78
CA GLY A 234 1.25 -8.22 0.49
C GLY A 234 1.58 -9.69 0.23
N LEU A 235 2.06 -9.97 -0.98
CA LEU A 235 2.42 -11.36 -1.33
C LEU A 235 3.68 -11.32 -2.18
N VAL A 236 4.69 -12.09 -1.81
CA VAL A 236 5.92 -12.19 -2.60
C VAL A 236 6.10 -13.65 -3.04
N ILE A 237 6.45 -13.84 -4.30
CA ILE A 237 6.67 -15.18 -4.87
C ILE A 237 8.08 -15.20 -5.46
N ASP A 238 8.78 -16.32 -5.31
CA ASP A 238 10.12 -16.45 -5.84
C ASP A 238 10.06 -17.05 -7.23
N VAL A 239 10.76 -16.44 -8.19
CA VAL A 239 10.67 -16.91 -9.58
C VAL A 239 11.23 -18.32 -9.70
N GLU A 240 12.38 -18.58 -9.07
CA GLU A 240 13.02 -19.90 -9.25
C GLU A 240 12.17 -21.02 -8.65
N THR A 241 11.75 -20.86 -7.39
CA THR A 241 10.96 -21.92 -6.76
C THR A 241 9.49 -21.89 -7.14
N GLU A 242 8.99 -20.78 -7.71
CA GLU A 242 7.58 -20.61 -8.02
C GLU A 242 6.72 -20.71 -6.78
N SER A 243 7.31 -20.41 -5.61
N SER A 243 7.31 -20.40 -5.62
CA SER A 243 6.66 -20.58 -4.33
CA SER A 243 6.67 -20.55 -4.33
C SER A 243 6.67 -19.27 -3.54
C SER A 243 6.64 -19.23 -3.57
N VAL A 244 5.66 -19.09 -2.68
CA VAL A 244 5.67 -17.95 -1.76
C VAL A 244 6.89 -18.07 -0.84
N VAL A 245 7.32 -16.92 -0.33
CA VAL A 245 8.61 -16.86 0.37
C VAL A 245 8.48 -16.90 1.88
N ILE A 246 7.28 -16.78 2.44
CA ILE A 246 7.09 -17.04 3.86
C ILE A 246 5.96 -18.05 4.01
N LYS A 247 6.00 -18.81 5.11
CA LYS A 247 5.18 -20.01 5.29
C LYS A 247 3.77 -19.71 5.80
N PRO A 248 3.58 -18.82 6.78
CA PRO A 248 2.24 -18.61 7.33
C PRO A 248 1.26 -18.00 6.31
N LYS A 249 -0.02 -18.27 6.52
CA LYS A 249 -1.12 -17.54 5.89
C LYS A 249 -0.98 -17.52 4.36
N GLN A 250 -0.55 -18.67 3.81
CA GLN A 250 -0.40 -18.82 2.37
C GLN A 250 0.51 -17.78 1.74
N GLY A 251 1.50 -17.29 2.48
CA GLY A 251 2.47 -16.36 1.95
C GLY A 251 2.16 -14.89 2.12
N PHE A 252 0.95 -14.55 2.58
CA PHE A 252 0.57 -13.14 2.77
C PHE A 252 1.19 -12.59 4.05
N GLY A 253 1.79 -11.37 4.00
CA GLY A 253 2.33 -10.79 5.23
C GLY A 253 2.54 -9.31 5.07
N GLY A 254 2.99 -8.64 6.13
CA GLY A 254 3.07 -7.19 6.10
C GLY A 254 4.36 -6.73 5.44
N LEU A 255 4.25 -5.66 4.65
CA LEU A 255 5.37 -5.11 3.92
C LEU A 255 6.00 -3.97 4.72
N GLY A 256 7.33 -3.95 4.75
CA GLY A 256 8.08 -2.80 5.23
C GLY A 256 9.18 -2.39 4.25
N GLY A 257 9.87 -1.30 4.61
CA GLY A 257 11.00 -0.82 3.87
C GLY A 257 10.63 0.13 2.75
N ARG A 258 11.36 0.08 1.62
CA ARG A 258 11.17 1.12 0.62
C ARG A 258 9.78 1.11 0.03
N TYR A 259 9.11 -0.05 0.04
CA TYR A 259 7.76 -0.12 -0.52
C TYR A 259 6.83 0.88 0.11
N VAL A 260 6.99 1.12 1.41
CA VAL A 260 5.95 1.75 2.23
C VAL A 260 6.20 3.25 2.45
N PHE A 261 7.29 3.81 1.95
CA PHE A 261 7.68 5.16 2.35
C PHE A 261 6.64 6.21 1.94
N PRO A 262 6.17 6.25 0.70
CA PRO A 262 5.17 7.28 0.36
C PRO A 262 3.89 7.12 1.14
N THR A 263 3.45 5.89 1.42
CA THR A 263 2.27 5.68 2.27
C THR A 263 2.54 6.14 3.69
N ALA A 264 3.74 5.88 4.20
CA ALA A 264 4.08 6.32 5.55
C ALA A 264 4.06 7.84 5.65
N LEU A 265 4.65 8.52 4.67
CA LEU A 265 4.67 9.97 4.75
C LEU A 265 3.26 10.53 4.71
N ALA A 266 2.41 9.96 3.84
CA ALA A 266 1.03 10.41 3.74
C ALA A 266 0.31 10.28 5.05
N ASN A 267 0.52 9.17 5.74
CA ASN A 267 -0.19 8.93 6.98
C ASN A 267 0.34 9.84 8.09
N VAL A 268 1.66 9.96 8.19
CA VAL A 268 2.24 10.94 9.15
C VAL A 268 1.60 12.32 8.91
N ASN A 269 1.63 12.81 7.66
CA ASN A 269 1.13 14.18 7.43
C ASN A 269 -0.38 14.27 7.65
N ALA A 270 -1.13 13.25 7.24
CA ALA A 270 -2.58 13.32 7.42
C ALA A 270 -2.97 13.43 8.89
N PHE A 271 -2.29 12.68 9.75
CA PHE A 271 -2.62 12.78 11.16
C PHE A 271 -1.98 13.99 11.80
N TYR A 272 -0.84 14.46 11.28
CA TYR A 272 -0.29 15.71 11.79
C TYR A 272 -1.26 16.87 11.58
N ARG A 273 -1.88 16.94 10.39
CA ARG A 273 -2.86 17.97 10.08
C ARG A 273 -4.13 17.82 10.93
N ARG A 274 -4.62 16.60 11.10
CA ARG A 274 -5.90 16.39 11.78
C ARG A 274 -5.81 16.29 13.31
N CYS A 275 -4.62 16.06 13.89
CA CYS A 275 -4.47 15.89 15.34
C CYS A 275 -3.41 16.86 15.86
N PRO A 276 -3.60 18.16 15.64
CA PRO A 276 -2.61 19.15 16.12
C PRO A 276 -2.40 19.12 17.62
N GLY A 277 -3.31 18.55 18.39
CA GLY A 277 -3.05 18.50 19.82
C GLY A 277 -2.27 17.31 20.28
N LYS A 278 -1.80 16.45 19.36
CA LYS A 278 -1.04 15.25 19.70
C LYS A 278 0.30 15.28 18.95
N LEU A 279 1.20 14.36 19.34
CA LEU A 279 2.46 14.16 18.63
C LEU A 279 2.28 13.02 17.63
N ILE A 280 2.97 13.10 16.50
CA ILE A 280 3.00 12.01 15.51
C ILE A 280 4.40 11.39 15.54
N PHE A 281 4.49 10.06 15.63
CA PHE A 281 5.78 9.38 15.41
C PHE A 281 5.74 8.81 13.99
N GLY A 282 6.79 9.04 13.19
CA GLY A 282 6.85 8.48 11.84
C GLY A 282 7.54 7.13 11.85
N CYS A 283 6.99 6.19 11.06
CA CYS A 283 7.61 4.89 10.94
C CYS A 283 7.33 4.41 9.52
N GLY A 284 8.36 3.97 8.79
CA GLY A 284 8.08 3.48 7.43
C GLY A 284 9.10 3.95 6.43
N GLY A 285 9.90 3.02 5.89
CA GLY A 285 10.80 3.37 4.80
C GLY A 285 12.03 4.19 5.11
N VAL A 286 12.47 4.26 6.36
CA VAL A 286 13.61 5.11 6.65
C VAL A 286 14.89 4.29 6.46
N TYR A 287 15.71 4.70 5.49
CA TYR A 287 17.07 4.20 5.33
C TYR A 287 18.16 5.26 5.47
N THR A 288 17.84 6.55 5.32
CA THR A 288 18.85 7.61 5.33
C THR A 288 18.38 8.81 6.17
N GLY A 289 19.32 9.68 6.50
CA GLY A 289 18.96 10.96 7.12
C GLY A 289 18.01 11.79 6.29
N GLU A 290 18.12 11.75 4.95
CA GLU A 290 17.15 12.46 4.13
C GLU A 290 15.75 11.88 4.31
N ASP A 291 15.65 10.55 4.44
CA ASP A 291 14.34 9.94 4.66
C ASP A 291 13.74 10.46 5.96
N ALA A 292 14.58 10.52 7.01
CA ALA A 292 14.12 11.03 8.30
C ALA A 292 13.72 12.49 8.21
N PHE A 293 14.49 13.28 7.46
CA PHE A 293 14.18 14.68 7.25
C PHE A 293 12.80 14.85 6.63
N LEU A 294 12.45 14.01 5.63
CA LEU A 294 11.10 14.10 5.06
C LEU A 294 10.03 13.71 6.06
N HIS A 295 10.29 12.71 6.90
CA HIS A 295 9.29 12.33 7.90
C HIS A 295 9.05 13.51 8.85
N VAL A 296 10.11 14.20 9.26
CA VAL A 296 9.92 15.35 10.16
C VAL A 296 9.19 16.49 9.46
N LEU A 297 9.55 16.81 8.20
CA LEU A 297 8.78 17.80 7.43
C LEU A 297 7.30 17.43 7.39
N ALA A 298 6.97 16.13 7.31
CA ALA A 298 5.56 15.74 7.27
C ALA A 298 4.88 15.88 8.61
N GLY A 299 5.66 15.98 9.71
CA GLY A 299 5.11 16.15 11.04
C GLY A 299 5.68 15.25 12.11
N ALA A 300 6.63 14.36 11.81
CA ALA A 300 7.06 13.40 12.82
C ALA A 300 7.91 14.05 13.92
N SER A 301 7.62 13.66 15.17
CA SER A 301 8.45 14.03 16.33
C SER A 301 9.56 13.01 16.55
N MET A 302 9.23 11.73 16.63
CA MET A 302 10.22 10.67 16.68
C MET A 302 10.16 9.95 15.34
N VAL A 303 11.26 9.32 14.96
CA VAL A 303 11.38 8.58 13.69
C VAL A 303 11.85 7.16 13.99
N GLN A 304 11.01 6.16 13.70
CA GLN A 304 11.29 4.77 14.00
C GLN A 304 11.87 4.08 12.77
N VAL A 305 12.75 3.09 13.00
CA VAL A 305 13.49 2.41 11.93
C VAL A 305 13.29 0.91 12.10
N GLY A 306 12.70 0.25 11.09
CA GLY A 306 12.43 -1.17 11.19
C GLY A 306 13.32 -1.96 10.26
N THR A 307 12.86 -2.13 9.02
CA THR A 307 13.56 -2.94 8.02
C THR A 307 15.04 -2.56 7.91
N ALA A 308 15.35 -1.26 7.74
CA ALA A 308 16.76 -0.91 7.55
C ALA A 308 17.60 -1.30 8.76
N LEU A 309 17.02 -1.23 9.97
CA LEU A 309 17.72 -1.61 11.20
C LEU A 309 17.94 -3.12 11.26
N HIS A 310 16.91 -3.89 10.91
CA HIS A 310 17.04 -5.35 10.79
C HIS A 310 18.22 -5.74 9.90
N GLU A 311 18.42 -5.02 8.80
CA GLU A 311 19.48 -5.33 7.85
C GLU A 311 20.84 -4.83 8.31
N GLU A 312 20.89 -3.69 9.00
CA GLU A 312 22.14 -2.99 9.24
C GLU A 312 22.63 -3.09 10.67
N GLY A 313 21.74 -3.40 11.62
CA GLY A 313 22.10 -3.41 13.03
C GLY A 313 22.20 -2.01 13.61
N ALA A 314 22.47 -1.97 14.92
CA ALA A 314 22.34 -0.75 15.71
C ALA A 314 23.33 0.32 15.30
N ALA A 315 24.39 -0.02 14.56
CA ALA A 315 25.28 1.05 14.11
C ALA A 315 24.58 2.00 13.14
N ILE A 316 23.42 1.59 12.60
CA ILE A 316 22.70 2.47 11.67
C ILE A 316 22.41 3.83 12.31
N PHE A 317 22.18 3.87 13.63
CA PHE A 317 21.80 5.14 14.25
C PHE A 317 22.93 6.16 14.21
N GLU A 318 24.20 5.69 14.21
CA GLU A 318 25.33 6.61 14.02
C GLU A 318 25.30 7.22 12.63
N ARG A 319 25.04 6.41 11.61
CA ARG A 319 24.91 6.94 10.26
C ARG A 319 23.71 7.91 10.17
N LEU A 320 22.58 7.52 10.77
CA LEU A 320 21.36 8.32 10.60
C LEU A 320 21.45 9.70 11.26
N THR A 321 22.00 9.79 12.47
CA THR A 321 22.14 11.12 13.06
C THR A 321 23.07 12.01 12.25
N ALA A 322 24.22 11.47 11.81
CA ALA A 322 25.13 12.26 11.00
C ALA A 322 24.47 12.75 9.72
N GLU A 323 23.71 11.88 9.06
CA GLU A 323 23.10 12.26 7.79
C GLU A 323 22.06 13.34 7.99
N LEU A 324 21.23 13.21 9.03
CA LEU A 324 20.21 14.22 9.29
C LEU A 324 20.84 15.55 9.68
N LEU A 325 21.81 15.54 10.60
CA LEU A 325 22.54 16.78 10.91
C LEU A 325 23.14 17.40 9.64
N ASP A 326 23.63 16.56 8.72
CA ASP A 326 24.16 17.04 7.43
C ASP A 326 23.12 17.77 6.59
N VAL A 327 21.93 17.18 6.47
CA VAL A 327 20.88 17.86 5.72
C VAL A 327 20.55 19.20 6.38
N MET A 328 20.40 19.19 7.71
CA MET A 328 20.11 20.42 8.44
C MET A 328 21.20 21.46 8.20
N ALA A 329 22.46 21.03 8.25
CA ALA A 329 23.56 21.99 8.08
C ALA A 329 23.51 22.62 6.70
N LYS A 330 23.34 21.81 5.65
CA LYS A 330 23.21 22.38 4.31
C LYS A 330 22.09 23.42 4.25
N LYS A 331 21.04 23.26 5.05
CA LYS A 331 19.91 24.15 4.98
C LYS A 331 19.89 25.22 6.07
N GLY A 332 20.88 25.22 6.96
CA GLY A 332 20.91 26.21 8.01
C GLY A 332 19.99 25.94 9.16
N TYR A 333 19.42 24.75 9.26
CA TYR A 333 18.54 24.45 10.38
C TYR A 333 19.34 24.12 11.63
N LYS A 334 18.88 24.62 12.78
CA LYS A 334 19.54 24.35 14.04
C LYS A 334 18.74 23.44 14.95
N ALA A 335 17.42 23.31 14.73
CA ALA A 335 16.61 22.45 15.58
C ALA A 335 15.48 21.84 14.74
N LEU A 336 15.06 20.63 15.14
CA LEU A 336 13.91 19.99 14.47
C LEU A 336 12.62 20.82 14.58
N ASP A 337 12.43 21.59 15.66
CA ASP A 337 11.20 22.37 15.82
C ASP A 337 11.06 23.40 14.73
N GLU A 338 12.15 23.70 14.03
CA GLU A 338 12.12 24.70 12.99
C GLU A 338 11.44 24.24 11.72
N PHE A 339 11.31 22.94 11.53
CA PHE A 339 10.71 22.49 10.29
C PHE A 339 9.81 21.28 10.47
N ARG A 340 9.58 20.79 11.67
CA ARG A 340 8.61 19.72 11.86
C ARG A 340 7.25 20.16 11.37
N GLY A 341 6.69 19.40 10.44
CA GLY A 341 5.36 19.69 9.90
C GLY A 341 5.29 20.82 8.90
N LYS A 342 6.43 21.38 8.50
CA LYS A 342 6.44 22.52 7.60
C LYS A 342 6.56 22.14 6.11
N VAL A 343 6.11 20.96 5.74
CA VAL A 343 6.06 20.64 4.31
C VAL A 343 5.28 21.72 3.59
N LYS A 344 5.81 22.19 2.45
CA LYS A 344 5.20 23.27 1.67
C LYS A 344 4.27 22.73 0.57
N ALA A 345 3.30 23.56 0.18
CA ALA A 345 2.38 23.27 -0.92
C ALA A 345 2.96 23.65 -2.31
N MET A 346 2.32 23.13 -3.35
CA MET A 346 2.87 23.12 -4.72
N SER B 34 8.07 -23.89 -30.18
CA SER B 34 7.05 -24.64 -29.47
C SER B 34 6.44 -23.80 -28.34
N MET B 35 7.06 -22.65 -28.05
CA MET B 35 6.68 -21.80 -26.92
C MET B 35 5.60 -20.81 -27.37
N SER B 36 4.66 -20.49 -26.47
CA SER B 36 3.57 -19.62 -26.86
C SER B 36 3.12 -18.75 -25.68
N LEU B 37 2.89 -17.47 -25.98
CA LEU B 37 2.30 -16.52 -25.04
C LEU B 37 0.83 -16.30 -25.33
N GLN B 38 0.23 -17.09 -26.22
CA GLN B 38 -1.18 -16.83 -26.55
C GLN B 38 -2.10 -17.02 -25.35
N VAL B 39 -3.17 -16.24 -25.36
CA VAL B 39 -4.20 -16.26 -24.33
C VAL B 39 -5.52 -16.36 -25.08
N GLY B 40 -6.35 -17.31 -24.68
CA GLY B 40 -7.64 -17.46 -25.31
C GLY B 40 -8.69 -17.29 -24.25
N ILE B 41 -9.30 -16.09 -24.20
CA ILE B 41 -10.27 -15.76 -23.17
C ILE B 41 -11.30 -14.85 -23.79
N LEU B 42 -12.47 -14.75 -23.14
CA LEU B 42 -13.51 -13.79 -23.54
C LEU B 42 -13.90 -13.94 -25.02
N GLY B 43 -13.76 -15.14 -25.59
CA GLY B 43 -14.16 -15.29 -26.98
C GLY B 43 -13.19 -14.69 -27.98
N ASN B 44 -11.98 -14.33 -27.54
CA ASN B 44 -10.96 -13.75 -28.38
C ASN B 44 -9.65 -14.52 -28.23
N THR B 45 -8.76 -14.32 -29.21
CA THR B 45 -7.41 -14.82 -29.09
C THR B 45 -6.48 -13.63 -28.95
N PHE B 46 -5.65 -13.64 -27.93
CA PHE B 46 -4.65 -12.57 -27.73
C PHE B 46 -3.27 -13.15 -27.98
N ALA B 47 -2.44 -12.39 -28.70
CA ALA B 47 -1.14 -12.92 -29.08
C ALA B 47 -0.25 -13.11 -27.86
N ASN B 48 -0.44 -12.27 -26.86
CA ASN B 48 0.33 -12.38 -25.62
C ASN B 48 -0.49 -11.69 -24.55
N PRO B 49 -0.12 -11.80 -23.28
CA PRO B 49 -0.98 -11.30 -22.22
C PRO B 49 -0.83 -9.80 -21.98
N PHE B 50 0.09 -9.12 -22.67
CA PHE B 50 0.43 -7.74 -22.28
C PHE B 50 -0.52 -6.71 -22.87
N MET B 51 -0.80 -5.66 -22.08
CA MET B 51 -1.55 -4.53 -22.60
C MET B 51 -1.14 -3.32 -21.74
N ASN B 52 -1.50 -2.11 -22.18
CA ASN B 52 -1.29 -0.99 -21.27
C ASN B 52 -2.31 -1.06 -20.12
N ALA B 53 -1.96 -0.39 -19.02
CA ALA B 53 -2.92 -0.11 -17.95
C ALA B 53 -3.74 1.11 -18.35
N ALA B 54 -5.01 1.11 -17.98
CA ALA B 54 -5.89 2.22 -18.32
C ALA B 54 -5.25 3.50 -17.82
N GLY B 55 -5.32 4.57 -18.65
CA GLY B 55 -4.73 5.84 -18.27
C GLY B 55 -3.35 6.12 -18.80
N VAL B 56 -2.59 5.09 -19.18
CA VAL B 56 -1.22 5.27 -19.68
C VAL B 56 -1.22 5.02 -21.19
N MET B 57 -0.81 6.04 -21.96
N MET B 57 -0.82 6.06 -21.93
CA MET B 57 -0.64 5.97 -23.41
CA MET B 57 -0.63 6.01 -23.38
C MET B 57 -1.92 5.56 -24.13
C MET B 57 -1.91 5.53 -24.07
N CYS B 58 -3.02 6.25 -23.81
CA CYS B 58 -4.30 5.81 -24.37
C CYS B 58 -5.35 6.91 -24.36
N SER B 59 -4.96 8.19 -24.36
CA SER B 59 -5.96 9.26 -24.29
C SER B 59 -6.30 9.88 -25.64
N THR B 60 -5.31 9.95 -26.57
CA THR B 60 -5.48 10.53 -27.89
C THR B 60 -5.49 9.46 -28.96
N GLU B 61 -5.92 9.84 -30.16
CA GLU B 61 -5.90 8.88 -31.25
C GLU B 61 -4.46 8.47 -31.57
N GLU B 62 -3.53 9.43 -31.50
CA GLU B 62 -2.14 9.06 -31.79
C GLU B 62 -1.62 8.04 -30.78
N GLU B 63 -1.99 8.16 -29.49
CA GLU B 63 -1.50 7.20 -28.50
C GLU B 63 -2.14 5.83 -28.72
N LEU B 64 -3.44 5.81 -29.01
CA LEU B 64 -4.11 4.54 -29.22
C LEU B 64 -3.58 3.84 -30.46
N ALA B 65 -3.29 4.62 -31.52
CA ALA B 65 -2.70 4.01 -32.71
C ALA B 65 -1.30 3.45 -32.42
N ALA B 66 -0.51 4.17 -31.61
CA ALA B 66 0.79 3.66 -31.19
C ALA B 66 0.64 2.34 -30.43
N MET B 67 -0.31 2.27 -29.48
CA MET B 67 -0.58 1.00 -28.79
C MET B 67 -0.99 -0.08 -29.77
N THR B 68 -1.84 0.27 -30.75
CA THR B 68 -2.31 -0.74 -31.69
C THR B 68 -1.17 -1.25 -32.57
N GLU B 69 -0.25 -0.34 -32.94
CA GLU B 69 0.92 -0.68 -33.76
C GLU B 69 1.98 -1.46 -33.00
N SER B 70 2.02 -1.35 -31.67
CA SER B 70 2.96 -2.06 -30.80
C SER B 70 2.71 -3.58 -30.82
N THR B 71 3.61 -4.31 -30.18
CA THR B 71 3.45 -5.76 -30.10
C THR B 71 2.60 -6.19 -28.92
N SER B 72 1.92 -5.25 -28.24
CA SER B 72 1.06 -5.71 -27.15
C SER B 72 -0.07 -6.62 -27.64
N GLY B 73 -0.49 -7.51 -26.74
CA GLY B 73 -1.62 -8.39 -27.03
C GLY B 73 -2.94 -7.65 -27.07
N SER B 74 -3.04 -6.54 -26.35
CA SER B 74 -4.28 -5.74 -26.38
C SER B 74 -3.96 -4.32 -25.93
N LEU B 75 -5.01 -3.54 -25.71
CA LEU B 75 -4.91 -2.14 -25.30
C LEU B 75 -6.23 -1.75 -24.70
N ILE B 76 -6.21 -0.69 -23.90
CA ILE B 76 -7.40 -0.20 -23.23
C ILE B 76 -7.35 1.33 -23.27
N THR B 77 -8.54 1.93 -23.40
CA THR B 77 -8.61 3.39 -23.48
C THR B 77 -8.44 4.03 -22.09
N LYS B 78 -8.15 5.33 -22.10
CA LYS B 78 -8.22 6.14 -20.88
C LYS B 78 -9.62 6.04 -20.29
N SER B 79 -9.74 5.94 -18.96
CA SER B 79 -11.06 5.94 -18.34
C SER B 79 -11.80 7.21 -18.70
N CYS B 80 -13.00 7.08 -19.26
CA CYS B 80 -13.67 8.28 -19.74
C CYS B 80 -14.95 8.60 -18.95
N THR B 81 -15.34 9.90 -19.07
CA THR B 81 -16.53 10.43 -18.45
C THR B 81 -17.51 10.89 -19.53
N PRO B 82 -18.76 11.15 -19.20
CA PRO B 82 -19.70 11.52 -20.26
C PRO B 82 -19.25 12.76 -21.03
N ALA B 83 -18.56 13.70 -20.37
CA ALA B 83 -18.04 14.89 -21.00
C ALA B 83 -16.52 14.96 -20.91
N LEU B 84 -15.91 15.72 -21.82
CA LEU B 84 -14.47 15.89 -21.79
C LEU B 84 -14.05 16.54 -20.48
N ARG B 85 -12.84 16.21 -20.01
CA ARG B 85 -12.29 16.79 -18.80
C ARG B 85 -10.86 17.17 -19.04
N GLU B 86 -10.50 18.36 -18.56
CA GLU B 86 -9.12 18.80 -18.58
C GLU B 86 -8.31 18.20 -17.45
N GLY B 87 -8.95 17.76 -16.37
CA GLY B 87 -8.27 17.13 -15.25
C GLY B 87 -7.68 18.15 -14.28
N ASN B 88 -6.83 17.65 -13.39
CA ASN B 88 -6.36 18.51 -12.29
C ASN B 88 -5.24 19.43 -12.75
N PRO B 89 -4.98 20.50 -11.99
CA PRO B 89 -3.85 21.37 -12.29
C PRO B 89 -2.50 20.66 -12.19
N ALA B 90 -1.58 21.02 -13.09
CA ALA B 90 -0.24 20.45 -13.13
C ALA B 90 0.70 21.18 -12.18
N PRO B 91 1.83 20.56 -11.79
CA PRO B 91 2.27 19.18 -12.08
C PRO B 91 1.33 18.21 -11.40
N ARG B 92 0.93 17.12 -12.10
CA ARG B 92 0.01 16.17 -11.52
C ARG B 92 0.52 14.73 -11.69
N TYR B 93 1.74 14.57 -12.19
CA TYR B 93 2.43 13.31 -12.28
C TYR B 93 3.88 13.54 -11.90
N TYR B 94 4.47 12.61 -11.18
CA TYR B 94 5.86 12.80 -10.79
C TYR B 94 6.55 11.45 -10.78
N THR B 95 7.74 11.37 -11.38
CA THR B 95 8.53 10.12 -11.33
C THR B 95 9.25 9.98 -10.00
N LEU B 96 9.06 8.83 -9.34
CA LEU B 96 9.71 8.54 -8.07
C LEU B 96 10.84 7.55 -8.30
N PRO B 97 11.73 7.40 -7.31
CA PRO B 97 12.84 6.43 -7.44
C PRO B 97 12.37 5.04 -7.79
N LEU B 98 11.23 4.61 -7.26
CA LEU B 98 10.75 3.26 -7.51
C LEU B 98 9.38 3.25 -8.18
N GLY B 99 8.96 4.33 -8.82
CA GLY B 99 7.64 4.24 -9.40
C GLY B 99 7.11 5.62 -9.75
N SER B 100 5.86 5.89 -9.39
CA SER B 100 5.20 7.10 -9.86
C SER B 100 4.18 7.52 -8.83
N ILE B 101 3.84 8.81 -8.80
CA ILE B 101 2.67 9.28 -8.06
C ILE B 101 1.85 10.15 -9.00
N ASN B 102 0.53 10.04 -8.96
CA ASN B 102 -0.30 10.83 -9.86
C ASN B 102 -1.59 11.28 -9.19
N SER B 103 -2.07 12.47 -9.59
CA SER B 103 -3.42 12.91 -9.29
C SER B 103 -3.92 13.55 -10.59
N MET B 104 -4.07 12.72 -11.64
CA MET B 104 -4.38 13.27 -12.96
C MET B 104 -5.74 13.96 -12.95
N GLY B 105 -6.72 13.37 -12.25
CA GLY B 105 -8.08 13.89 -12.19
C GLY B 105 -8.93 13.53 -13.40
N LEU B 106 -8.67 12.37 -14.00
CA LEU B 106 -9.43 11.86 -15.12
C LEU B 106 -9.51 12.82 -16.31
N PRO B 107 -8.39 13.40 -16.75
CA PRO B 107 -8.42 14.13 -18.02
C PRO B 107 -8.73 13.14 -19.13
N ASN B 108 -9.74 13.44 -19.93
CA ASN B 108 -10.05 12.50 -21.00
C ASN B 108 -10.85 13.24 -22.04
N LYS B 109 -10.86 12.69 -23.26
CA LYS B 109 -11.52 13.39 -24.38
C LYS B 109 -13.04 13.20 -24.39
N GLY B 110 -13.63 12.56 -23.39
CA GLY B 110 -15.07 12.34 -23.33
C GLY B 110 -15.47 11.04 -23.97
N PHE B 111 -16.50 10.41 -23.39
CA PHE B 111 -16.97 9.12 -23.86
C PHE B 111 -17.21 9.11 -25.38
N ASP B 112 -17.83 10.16 -25.94
CA ASP B 112 -18.16 10.07 -27.36
C ASP B 112 -16.92 9.86 -28.22
N PHE B 113 -15.78 10.43 -27.79
CA PHE B 113 -14.51 10.24 -28.50
C PHE B 113 -14.06 8.77 -28.49
N TYR B 114 -14.07 8.16 -27.30
CA TYR B 114 -13.61 6.77 -27.20
C TYR B 114 -14.59 5.78 -27.85
N LEU B 115 -15.89 6.08 -27.81
CA LEU B 115 -16.87 5.26 -28.52
C LEU B 115 -16.61 5.31 -30.01
N ALA B 116 -16.41 6.53 -30.54
CA ALA B 116 -16.03 6.67 -31.96
C ALA B 116 -14.73 5.93 -32.29
N TYR B 117 -13.74 6.00 -31.40
CA TYR B 117 -12.53 5.22 -31.66
C TYR B 117 -12.88 3.74 -31.80
N SER B 118 -13.64 3.22 -30.83
N SER B 118 -13.63 3.21 -30.84
CA SER B 118 -14.00 1.81 -30.84
CA SER B 118 -13.95 1.78 -30.89
C SER B 118 -14.83 1.47 -32.07
C SER B 118 -14.85 1.45 -32.07
N ALA B 119 -15.73 2.36 -32.45
CA ALA B 119 -16.66 2.06 -33.52
C ALA B 119 -16.04 2.23 -34.89
N ARG B 120 -15.08 3.16 -35.06
CA ARG B 120 -14.64 3.58 -36.39
C ARG B 120 -13.16 3.45 -36.66
N HIS B 121 -12.30 3.58 -35.65
CA HIS B 121 -10.89 3.70 -35.95
C HIS B 121 -10.08 2.50 -35.57
N HIS B 122 -10.51 1.74 -34.58
CA HIS B 122 -9.67 0.65 -34.13
C HIS B 122 -9.62 -0.50 -35.13
N ASP B 123 -8.41 -1.00 -35.40
CA ASP B 123 -8.22 -2.14 -36.28
C ASP B 123 -8.28 -3.42 -35.46
N TYR B 124 -9.45 -4.06 -35.43
CA TYR B 124 -9.61 -5.26 -34.63
C TYR B 124 -8.88 -6.46 -35.20
N SER B 125 -8.44 -6.39 -36.46
CA SER B 125 -7.60 -7.49 -36.98
C SER B 125 -6.21 -7.48 -36.35
N ARG B 126 -5.80 -6.34 -35.75
CA ARG B 126 -4.53 -6.23 -35.05
C ARG B 126 -4.62 -6.86 -33.67
N LYS B 127 -5.64 -6.50 -32.88
CA LYS B 127 -5.76 -6.99 -31.51
C LYS B 127 -7.11 -6.56 -30.97
N PRO B 128 -7.62 -7.26 -29.97
CA PRO B 128 -8.84 -6.82 -29.28
C PRO B 128 -8.61 -5.52 -28.53
N LEU B 129 -9.72 -4.85 -28.25
CA LEU B 129 -9.76 -3.52 -27.64
C LEU B 129 -10.63 -3.53 -26.39
N PHE B 130 -10.14 -2.93 -25.30
CA PHE B 130 -10.95 -2.67 -24.12
C PHE B 130 -11.26 -1.20 -24.03
N ILE B 131 -12.44 -0.86 -23.50
CA ILE B 131 -12.79 0.54 -23.22
C ILE B 131 -13.08 0.67 -21.73
N SER B 132 -12.47 1.64 -21.08
CA SER B 132 -12.63 1.88 -19.65
C SER B 132 -13.59 3.04 -19.48
N ILE B 133 -14.60 2.88 -18.61
CA ILE B 133 -15.49 4.00 -18.31
C ILE B 133 -15.43 4.29 -16.82
N SER B 134 -15.58 5.57 -16.47
CA SER B 134 -15.44 5.98 -15.08
C SER B 134 -16.39 7.15 -14.81
N GLY B 135 -17.68 6.92 -15.05
CA GLY B 135 -18.68 7.92 -14.70
C GLY B 135 -18.72 8.21 -13.21
N PHE B 136 -19.28 9.38 -12.85
CA PHE B 136 -19.28 9.83 -11.46
C PHE B 136 -20.52 9.38 -10.69
N SER B 137 -21.39 8.58 -11.30
CA SER B 137 -22.51 8.00 -10.58
C SER B 137 -22.90 6.73 -11.33
N ALA B 138 -23.72 5.91 -10.67
CA ALA B 138 -24.20 4.70 -11.31
C ALA B 138 -25.01 5.04 -12.56
N GLU B 139 -25.80 6.12 -12.50
CA GLU B 139 -26.61 6.49 -13.65
C GLU B 139 -25.73 6.94 -14.83
N GLU B 140 -24.70 7.75 -14.56
CA GLU B 140 -23.82 8.18 -15.66
C GLU B 140 -23.19 6.97 -16.36
N ASN B 141 -22.79 5.96 -15.58
CA ASN B 141 -22.18 4.78 -16.17
C ASN B 141 -23.19 3.97 -16.97
N ALA B 142 -24.42 3.84 -16.47
CA ALA B 142 -25.40 3.07 -17.22
C ALA B 142 -25.77 3.77 -18.52
N GLU B 143 -25.84 5.10 -18.51
CA GLU B 143 -26.11 5.82 -19.76
C GLU B 143 -25.02 5.58 -20.82
N MET B 144 -23.75 5.66 -20.42
CA MET B 144 -22.66 5.29 -21.34
C MET B 144 -22.80 3.86 -21.85
N CYS B 145 -23.09 2.89 -20.96
CA CYS B 145 -23.18 1.50 -21.36
C CYS B 145 -24.32 1.28 -22.35
N LYS B 146 -25.45 2.01 -22.19
CA LYS B 146 -26.53 1.86 -23.17
C LYS B 146 -26.03 2.21 -24.56
N ARG B 147 -25.22 3.27 -24.67
N ARG B 147 -25.23 3.27 -24.65
CA ARG B 147 -24.71 3.65 -25.98
CA ARG B 147 -24.68 3.69 -25.94
C ARG B 147 -23.55 2.80 -26.44
C ARG B 147 -23.60 2.74 -26.41
N LEU B 148 -22.77 2.25 -25.49
CA LEU B 148 -21.69 1.33 -25.88
C LEU B 148 -22.24 0.00 -26.40
N ALA B 149 -23.38 -0.48 -25.86
CA ALA B 149 -23.86 -1.83 -26.16
C ALA B 149 -23.89 -2.19 -27.64
N PRO B 150 -24.51 -1.40 -28.52
CA PRO B 150 -24.54 -1.82 -29.93
C PRO B 150 -23.16 -1.83 -30.58
N VAL B 151 -22.24 -0.97 -30.13
CA VAL B 151 -20.87 -0.97 -30.67
C VAL B 151 -20.12 -2.21 -30.21
N ALA B 152 -20.25 -2.57 -28.92
CA ALA B 152 -19.68 -3.81 -28.40
C ALA B 152 -20.26 -5.02 -29.14
N ALA B 153 -21.58 -5.01 -29.39
CA ALA B 153 -22.19 -6.10 -30.17
C ALA B 153 -21.59 -6.24 -31.58
N GLU B 154 -21.44 -5.14 -32.29
CA GLU B 154 -21.01 -5.16 -33.68
C GLU B 154 -19.51 -5.33 -33.84
N LYS B 155 -18.71 -4.64 -33.01
CA LYS B 155 -17.26 -4.50 -33.22
C LYS B 155 -16.45 -5.36 -32.27
N GLY B 156 -17.00 -5.70 -31.11
CA GLY B 156 -16.32 -6.59 -30.18
C GLY B 156 -15.50 -5.90 -29.09
N VAL B 157 -15.58 -4.56 -28.96
CA VAL B 157 -14.88 -3.88 -27.88
C VAL B 157 -15.43 -4.34 -26.52
N ILE B 158 -14.56 -4.45 -25.53
CA ILE B 158 -14.87 -5.06 -24.24
C ILE B 158 -14.83 -4.01 -23.15
N LEU B 159 -15.84 -3.99 -22.29
CA LEU B 159 -15.96 -2.94 -21.27
C LEU B 159 -15.15 -3.30 -20.04
N GLU B 160 -14.38 -2.31 -19.49
CA GLU B 160 -13.82 -2.46 -18.16
C GLU B 160 -14.35 -1.28 -17.34
N LEU B 161 -15.09 -1.58 -16.28
CA LEU B 161 -15.70 -0.53 -15.46
C LEU B 161 -14.75 -0.11 -14.33
N ASN B 162 -14.42 1.17 -14.23
CA ASN B 162 -13.46 1.62 -13.23
C ASN B 162 -14.22 1.88 -11.93
N LEU B 163 -13.96 1.04 -10.90
CA LEU B 163 -14.55 1.27 -9.58
C LEU B 163 -13.52 1.81 -8.59
N SER B 164 -12.41 2.38 -9.08
CA SER B 164 -11.30 2.66 -8.17
C SER B 164 -10.55 3.95 -8.47
N CYS B 165 -11.16 4.91 -9.12
CA CYS B 165 -10.42 6.16 -9.35
C CYS B 165 -10.20 6.90 -8.02
N PRO B 166 -8.96 7.17 -7.58
CA PRO B 166 -8.75 7.80 -6.27
C PRO B 166 -8.41 9.29 -6.27
N ASN B 167 -8.57 10.02 -7.40
CA ASN B 167 -8.03 11.37 -7.51
C ASN B 167 -9.07 12.42 -7.89
N VAL B 168 -10.37 12.08 -7.87
CA VAL B 168 -11.36 13.09 -8.18
C VAL B 168 -12.11 13.54 -6.91
N LYS B 171 -15.65 12.45 -5.11
CA LYS B 171 -16.16 11.12 -5.41
C LYS B 171 -15.23 9.99 -4.88
N PRO B 172 -15.47 9.52 -3.64
CA PRO B 172 -14.63 8.45 -3.09
C PRO B 172 -14.76 7.18 -3.92
N GLN B 173 -13.83 6.24 -3.70
CA GLN B 173 -13.78 5.08 -4.58
C GLN B 173 -14.92 4.13 -4.30
N VAL B 174 -15.69 3.82 -5.34
CA VAL B 174 -16.89 3.00 -5.19
C VAL B 174 -16.54 1.66 -4.54
N ALA B 175 -15.37 1.09 -4.88
CA ALA B 175 -15.11 -0.27 -4.40
C ALA B 175 -14.65 -0.31 -2.93
N TYR B 176 -14.35 0.84 -2.30
CA TYR B 176 -14.16 0.89 -0.86
C TYR B 176 -15.48 1.09 -0.09
N ASP B 177 -16.60 1.13 -0.81
CA ASP B 177 -17.96 1.21 -0.26
C ASP B 177 -18.79 0.07 -0.84
N PHE B 178 -18.92 -1.03 -0.08
CA PHE B 178 -19.46 -2.22 -0.71
C PHE B 178 -20.90 -2.04 -1.12
N ASP B 179 -21.68 -1.25 -0.39
CA ASP B 179 -23.06 -1.05 -0.82
C ASP B 179 -23.11 -0.27 -2.12
N ALA B 180 -22.25 0.75 -2.28
CA ALA B 180 -22.17 1.45 -3.56
C ALA B 180 -21.75 0.49 -4.66
N MET B 181 -20.71 -0.29 -4.39
CA MET B 181 -20.23 -1.23 -5.40
C MET B 181 -21.37 -2.09 -5.92
N ARG B 182 -22.15 -2.65 -4.99
CA ARG B 182 -23.26 -3.51 -5.41
C ARG B 182 -24.29 -2.73 -6.24
N ARG B 183 -24.54 -1.48 -5.86
CA ARG B 183 -25.48 -0.66 -6.62
C ARG B 183 -25.00 -0.46 -8.05
N TYR B 184 -23.72 -0.14 -8.23
CA TYR B 184 -23.20 0.11 -9.58
C TYR B 184 -23.33 -1.13 -10.43
N LEU B 185 -22.92 -2.27 -9.87
CA LEU B 185 -22.95 -3.52 -10.62
C LEU B 185 -24.36 -3.87 -11.03
N ALA B 186 -25.32 -3.66 -10.12
CA ALA B 186 -26.72 -3.90 -10.46
C ALA B 186 -27.18 -2.99 -11.59
N ALA B 187 -26.86 -1.70 -11.49
CA ALA B 187 -27.28 -0.72 -12.51
C ALA B 187 -26.66 -1.01 -13.86
N ILE B 188 -25.35 -1.34 -13.88
CA ILE B 188 -24.70 -1.65 -15.15
C ILE B 188 -25.30 -2.92 -15.75
N SER B 189 -25.48 -3.98 -14.93
CA SER B 189 -25.99 -5.24 -15.45
C SER B 189 -27.37 -5.06 -16.05
N GLU B 190 -28.19 -4.19 -15.45
CA GLU B 190 -29.51 -3.92 -16.03
C GLU B 190 -29.40 -3.16 -17.34
N ALA B 191 -28.41 -2.26 -17.47
CA ALA B 191 -28.28 -1.40 -18.65
C ALA B 191 -27.45 -2.01 -19.79
N TYR B 192 -26.62 -3.02 -19.51
CA TYR B 192 -25.61 -3.47 -20.45
C TYR B 192 -25.81 -4.96 -20.70
N PRO B 193 -26.06 -5.40 -21.93
CA PRO B 193 -26.39 -6.81 -22.19
C PRO B 193 -25.21 -7.76 -22.24
N HIS B 194 -23.98 -7.27 -22.27
CA HIS B 194 -22.79 -8.08 -22.47
C HIS B 194 -21.99 -8.28 -21.19
N PRO B 195 -21.08 -9.26 -21.16
CA PRO B 195 -20.18 -9.39 -20.01
C PRO B 195 -19.19 -8.24 -20.01
N PHE B 196 -18.70 -7.92 -18.82
CA PHE B 196 -17.77 -6.80 -18.68
C PHE B 196 -16.83 -7.12 -17.54
N GLY B 197 -15.80 -6.27 -17.37
CA GLY B 197 -14.85 -6.44 -16.30
C GLY B 197 -14.87 -5.24 -15.38
N VAL B 198 -14.17 -5.34 -14.27
CA VAL B 198 -14.11 -4.28 -13.26
C VAL B 198 -12.68 -4.02 -12.88
N LYS B 199 -12.32 -2.73 -12.74
CA LYS B 199 -11.00 -2.33 -12.27
C LYS B 199 -11.09 -2.04 -10.76
N MET B 200 -10.35 -2.78 -9.96
CA MET B 200 -10.50 -2.82 -8.51
C MET B 200 -9.40 -2.04 -7.81
N PRO B 201 -9.68 -1.37 -6.70
CA PRO B 201 -8.59 -0.83 -5.88
C PRO B 201 -7.94 -1.95 -5.08
N PRO B 202 -6.74 -1.73 -4.52
CA PRO B 202 -6.11 -2.77 -3.69
C PRO B 202 -6.84 -2.88 -2.36
N TYR B 203 -7.01 -4.11 -1.89
CA TYR B 203 -7.44 -4.33 -0.52
C TYR B 203 -6.28 -4.93 0.28
N PHE B 204 -6.40 -4.83 1.62
CA PHE B 204 -5.28 -5.13 2.51
C PHE B 204 -5.64 -6.10 3.63
N ASP B 205 -6.81 -6.71 3.61
CA ASP B 205 -7.11 -7.76 4.56
C ASP B 205 -8.12 -8.74 3.99
N PHE B 206 -8.13 -9.95 4.56
CA PHE B 206 -8.95 -11.01 4.00
C PHE B 206 -10.43 -10.72 4.19
N ALA B 207 -10.81 -9.97 5.23
CA ALA B 207 -12.20 -9.61 5.36
C ALA B 207 -12.69 -8.81 4.15
N HIS B 208 -11.85 -7.91 3.65
CA HIS B 208 -12.26 -7.17 2.44
C HIS B 208 -12.20 -8.05 1.19
N PHE B 209 -11.16 -8.91 1.05
CA PHE B 209 -11.13 -9.83 -0.09
C PHE B 209 -12.42 -10.64 -0.16
N ASP B 210 -12.84 -11.22 1.00
CA ASP B 210 -14.05 -12.04 1.02
C ASP B 210 -15.29 -11.21 0.70
N ALA B 211 -15.40 -10.04 1.33
CA ALA B 211 -16.58 -9.22 1.12
C ALA B 211 -16.70 -8.82 -0.36
N ALA B 212 -15.59 -8.37 -0.96
CA ALA B 212 -15.61 -8.00 -2.38
C ALA B 212 -15.90 -9.21 -3.27
N ALA B 213 -15.27 -10.35 -2.99
CA ALA B 213 -15.53 -11.53 -3.82
C ALA B 213 -16.97 -11.95 -3.74
N GLU B 214 -17.57 -11.85 -2.53
CA GLU B 214 -18.96 -12.26 -2.35
C GLU B 214 -19.91 -11.47 -3.24
N ILE B 215 -19.66 -10.16 -3.38
CA ILE B 215 -20.47 -9.31 -4.25
C ILE B 215 -20.22 -9.67 -5.69
N LEU B 216 -18.95 -9.80 -6.08
CA LEU B 216 -18.65 -9.99 -7.50
C LEU B 216 -19.21 -11.32 -8.01
N ASN B 217 -19.15 -12.36 -7.18
CA ASN B 217 -19.66 -13.66 -7.63
C ASN B 217 -21.16 -13.68 -7.79
N GLN B 218 -21.84 -12.65 -7.31
CA GLN B 218 -23.28 -12.57 -7.44
C GLN B 218 -23.71 -11.90 -8.73
N PHE B 219 -22.76 -11.45 -9.57
CA PHE B 219 -23.06 -10.78 -10.84
C PHE B 219 -22.49 -11.57 -12.00
N PRO B 220 -23.31 -12.34 -12.69
CA PRO B 220 -22.78 -13.23 -13.73
C PRO B 220 -22.12 -12.49 -14.87
N LYS B 221 -22.45 -11.22 -15.07
CA LYS B 221 -21.89 -10.49 -16.21
C LYS B 221 -20.47 -10.00 -15.95
N VAL B 222 -20.06 -9.95 -14.70
CA VAL B 222 -18.68 -9.56 -14.41
C VAL B 222 -17.81 -10.76 -14.76
N GLN B 223 -17.08 -10.65 -15.85
CA GLN B 223 -16.32 -11.81 -16.32
C GLN B 223 -14.81 -11.65 -16.10
N PHE B 224 -14.33 -10.45 -15.72
CA PHE B 224 -12.94 -10.35 -15.33
C PHE B 224 -12.77 -9.25 -14.29
N ILE B 225 -11.72 -9.38 -13.50
CA ILE B 225 -11.44 -8.49 -12.40
C ILE B 225 -10.03 -8.02 -12.59
N THR B 226 -9.81 -6.71 -12.70
CA THR B 226 -8.46 -6.17 -12.81
C THR B 226 -7.92 -5.69 -11.46
N CYS B 227 -6.86 -6.34 -10.96
CA CYS B 227 -6.18 -6.03 -9.70
C CYS B 227 -4.77 -5.59 -10.05
N ILE B 228 -4.40 -4.34 -9.81
CA ILE B 228 -5.03 -3.26 -9.03
C ILE B 228 -4.83 -1.88 -9.69
N ASN B 229 -5.71 -0.98 -9.30
CA ASN B 229 -5.48 0.44 -9.48
C ASN B 229 -4.36 0.88 -8.55
N SER B 230 -4.02 2.16 -8.59
CA SER B 230 -2.93 2.64 -7.76
C SER B 230 -3.24 2.49 -6.26
N ILE B 231 -2.17 2.44 -5.47
CA ILE B 231 -2.33 2.53 -4.01
C ILE B 231 -2.66 3.99 -3.68
N GLY B 232 -3.83 4.22 -3.12
CA GLY B 232 -4.34 5.59 -3.06
C GLY B 232 -3.62 6.45 -2.04
N ASN B 233 -3.52 7.74 -2.36
CA ASN B 233 -3.21 8.81 -1.38
C ASN B 233 -1.89 8.57 -0.64
N GLY B 234 -0.83 8.22 -1.42
CA GLY B 234 0.54 8.35 -0.93
C GLY B 234 0.93 9.85 -1.01
N LEU B 235 2.13 10.15 -0.49
CA LEU B 235 2.61 11.52 -0.40
C LEU B 235 4.12 11.50 -0.61
N VAL B 236 4.60 12.35 -1.51
CA VAL B 236 6.02 12.52 -1.77
C VAL B 236 6.39 13.97 -1.53
N ILE B 237 7.54 14.16 -0.88
CA ILE B 237 8.06 15.47 -0.56
C ILE B 237 9.49 15.53 -1.10
N ASP B 238 9.86 16.67 -1.69
CA ASP B 238 11.21 16.85 -2.19
C ASP B 238 12.13 17.37 -1.10
N VAL B 239 13.33 16.79 -1.00
CA VAL B 239 14.27 17.24 0.01
C VAL B 239 14.65 18.69 -0.23
N GLU B 240 15.00 19.03 -1.49
CA GLU B 240 15.52 20.38 -1.75
C GLU B 240 14.45 21.45 -1.56
N THR B 241 13.31 21.28 -2.21
CA THR B 241 12.25 22.28 -2.12
C THR B 241 11.49 22.22 -0.81
N GLU B 242 11.56 21.10 -0.10
CA GLU B 242 10.77 20.88 1.13
C GLU B 242 9.28 20.94 0.86
N SER B 243 8.91 20.65 -0.38
CA SER B 243 7.55 20.83 -0.85
C SER B 243 7.01 19.53 -1.44
N VAL B 244 5.70 19.37 -1.43
CA VAL B 244 5.10 18.20 -2.14
C VAL B 244 5.43 18.31 -3.63
N VAL B 245 5.36 17.17 -4.34
CA VAL B 245 5.82 17.13 -5.73
C VAL B 245 4.68 17.19 -6.75
N ILE B 246 3.42 17.03 -6.34
CA ILE B 246 2.30 17.29 -7.23
C ILE B 246 1.39 18.30 -6.55
N LYS B 247 0.63 19.01 -7.37
CA LYS B 247 -0.15 20.16 -6.92
C LYS B 247 -1.52 19.81 -6.36
N PRO B 248 -2.28 18.89 -6.98
CA PRO B 248 -3.63 18.61 -6.47
C PRO B 248 -3.62 18.04 -5.06
N LYS B 249 -4.74 18.26 -4.35
CA LYS B 249 -5.06 17.53 -3.12
C LYS B 249 -3.91 17.52 -2.12
N GLN B 250 -3.26 18.67 -1.95
CA GLN B 250 -2.20 18.84 -0.94
C GLN B 250 -1.03 17.91 -1.19
N GLY B 251 -0.84 17.46 -2.44
CA GLY B 251 0.24 16.54 -2.74
C GLY B 251 -0.09 15.05 -2.65
N PHE B 252 -1.27 14.69 -2.20
CA PHE B 252 -1.59 13.28 -2.03
C PHE B 252 -2.00 12.71 -3.38
N GLY B 253 -1.50 11.52 -3.74
CA GLY B 253 -1.88 11.01 -5.05
C GLY B 253 -1.65 9.51 -5.11
N GLY B 254 -2.07 8.88 -6.21
CA GLY B 254 -2.00 7.39 -6.27
C GLY B 254 -0.61 6.91 -6.66
N LEU B 255 -0.16 5.79 -6.04
CA LEU B 255 1.18 5.25 -6.23
C LEU B 255 1.12 4.13 -7.26
N GLY B 256 2.07 4.14 -8.20
CA GLY B 256 2.23 3.04 -9.13
C GLY B 256 3.69 2.64 -9.22
N GLY B 257 3.95 1.53 -9.95
CA GLY B 257 5.35 1.17 -10.09
C GLY B 257 5.76 0.09 -9.11
N ARG B 258 7.05 0.04 -8.81
CA ARG B 258 7.56 -1.05 -8.00
C ARG B 258 7.07 -0.98 -6.56
N TYR B 259 6.67 0.19 -6.06
CA TYR B 259 6.06 0.25 -4.74
C TYR B 259 4.92 -0.72 -4.59
N VAL B 260 4.11 -0.95 -5.65
CA VAL B 260 2.85 -1.64 -5.48
C VAL B 260 2.92 -3.14 -5.83
N PHE B 261 4.07 -3.67 -6.20
CA PHE B 261 4.08 -5.03 -6.77
C PHE B 261 3.60 -6.10 -5.78
N PRO B 262 4.10 -6.19 -4.55
CA PRO B 262 3.60 -7.25 -3.65
C PRO B 262 2.14 -7.06 -3.32
N THR B 263 1.67 -5.80 -3.19
CA THR B 263 0.24 -5.61 -3.03
C THR B 263 -0.52 -6.11 -4.25
N ALA B 264 -0.03 -5.80 -5.46
CA ALA B 264 -0.76 -6.22 -6.63
C ALA B 264 -0.84 -7.75 -6.71
N LEU B 265 0.29 -8.42 -6.48
CA LEU B 265 0.30 -9.90 -6.51
C LEU B 265 -0.68 -10.47 -5.49
N ALA B 266 -0.69 -9.88 -4.30
CA ALA B 266 -1.59 -10.37 -3.28
C ALA B 266 -3.02 -10.24 -3.75
N ASN B 267 -3.36 -9.13 -4.37
CA ASN B 267 -4.75 -8.95 -4.77
C ASN B 267 -5.12 -9.87 -5.91
N VAL B 268 -4.23 -10.00 -6.91
CA VAL B 268 -4.44 -10.96 -7.97
C VAL B 268 -4.71 -12.34 -7.38
N ASN B 269 -3.85 -12.79 -6.47
CA ASN B 269 -4.02 -14.17 -6.01
C ASN B 269 -5.25 -14.32 -5.10
N ALA B 270 -5.57 -13.30 -4.31
CA ALA B 270 -6.74 -13.41 -3.43
C ALA B 270 -8.02 -13.55 -4.25
N PHE B 271 -8.16 -12.77 -5.31
CA PHE B 271 -9.35 -12.89 -6.15
C PHE B 271 -9.28 -14.10 -7.07
N TYR B 272 -8.07 -14.51 -7.49
CA TYR B 272 -7.98 -15.76 -8.26
C TYR B 272 -8.59 -16.92 -7.46
N ARG B 273 -8.28 -16.97 -6.17
CA ARG B 273 -8.75 -18.03 -5.28
C ARG B 273 -10.25 -17.92 -5.04
N ARG B 274 -10.75 -16.70 -4.84
CA ARG B 274 -12.11 -16.52 -4.38
C ARG B 274 -13.11 -16.40 -5.50
N CYS B 275 -12.67 -16.07 -6.71
CA CYS B 275 -13.56 -15.90 -7.85
C CYS B 275 -13.14 -16.81 -9.00
N PRO B 276 -13.18 -18.15 -8.82
CA PRO B 276 -12.68 -19.03 -9.87
C PRO B 276 -13.54 -19.01 -11.14
N GLY B 277 -14.76 -18.48 -11.07
CA GLY B 277 -15.61 -18.37 -12.24
C GLY B 277 -15.32 -17.16 -13.11
N LYS B 278 -14.34 -16.34 -12.72
CA LYS B 278 -14.02 -15.10 -13.43
C LYS B 278 -12.54 -15.12 -13.78
N LEU B 279 -12.14 -14.31 -14.73
CA LEU B 279 -10.73 -14.13 -15.03
C LEU B 279 -10.17 -12.99 -14.18
N ILE B 280 -8.89 -13.09 -13.84
CA ILE B 280 -8.18 -12.02 -13.14
C ILE B 280 -7.19 -11.41 -14.11
N PHE B 281 -7.17 -10.05 -14.18
CA PHE B 281 -6.11 -9.36 -14.91
C PHE B 281 -5.19 -8.73 -13.88
N GLY B 282 -3.88 -8.89 -14.05
CA GLY B 282 -2.94 -8.33 -13.08
C GLY B 282 -2.44 -6.99 -13.60
N CYS B 283 -2.30 -6.06 -12.66
CA CYS B 283 -1.82 -4.72 -12.99
C CYS B 283 -1.08 -4.22 -11.75
N GLY B 284 0.16 -3.79 -11.95
CA GLY B 284 0.95 -3.24 -10.86
C GLY B 284 2.38 -3.71 -10.81
N GLY B 285 3.32 -2.77 -10.96
CA GLY B 285 4.73 -3.03 -10.73
C GLY B 285 5.44 -3.80 -11.82
N VAL B 286 4.83 -3.98 -12.98
CA VAL B 286 5.44 -4.84 -14.01
C VAL B 286 6.51 -4.02 -14.73
N TYR B 287 7.76 -4.39 -14.54
CA TYR B 287 8.89 -3.85 -15.29
C TYR B 287 9.67 -4.88 -16.10
N THR B 288 9.54 -6.18 -15.77
CA THR B 288 10.35 -7.20 -16.44
C THR B 288 9.45 -8.39 -16.76
N GLY B 289 9.94 -9.27 -17.65
CA GLY B 289 9.18 -10.50 -17.89
C GLY B 289 9.08 -11.40 -16.67
N GLU B 290 10.07 -11.32 -15.76
CA GLU B 290 9.96 -12.00 -14.46
C GLU B 290 8.80 -11.47 -13.61
N ASP B 291 8.63 -10.15 -13.53
CA ASP B 291 7.45 -9.62 -12.84
C ASP B 291 6.18 -10.16 -13.47
N ALA B 292 6.12 -10.21 -14.82
CA ALA B 292 4.92 -10.71 -15.50
C ALA B 292 4.71 -12.19 -15.19
N PHE B 293 5.81 -12.95 -15.19
CA PHE B 293 5.73 -14.38 -14.85
C PHE B 293 5.07 -14.58 -13.47
N LEU B 294 5.44 -13.75 -12.51
CA LEU B 294 4.87 -13.86 -11.16
C LEU B 294 3.40 -13.49 -11.15
N HIS B 295 2.98 -12.42 -11.85
CA HIS B 295 1.53 -12.16 -11.95
C HIS B 295 0.76 -13.36 -12.51
N VAL B 296 1.29 -13.96 -13.57
CA VAL B 296 0.60 -15.12 -14.15
C VAL B 296 0.59 -16.30 -13.16
N LEU B 297 1.70 -16.54 -12.47
CA LEU B 297 1.72 -17.61 -11.46
C LEU B 297 0.71 -17.35 -10.34
N ALA B 298 0.48 -16.07 -9.98
CA ALA B 298 -0.52 -15.71 -8.98
C ALA B 298 -1.95 -15.86 -9.49
N GLY B 299 -2.12 -15.98 -10.81
CA GLY B 299 -3.43 -16.16 -11.42
C GLY B 299 -3.78 -15.25 -12.58
N ALA B 300 -2.94 -14.28 -12.94
CA ALA B 300 -3.32 -13.34 -13.99
C ALA B 300 -3.47 -14.00 -15.36
N SER B 301 -4.57 -13.67 -16.02
N SER B 301 -4.51 -13.59 -16.08
CA SER B 301 -4.75 -14.02 -17.42
CA SER B 301 -4.83 -13.96 -17.44
C SER B 301 -4.05 -13.00 -18.33
C SER B 301 -4.26 -12.99 -18.48
N MET B 302 -4.40 -11.71 -18.22
CA MET B 302 -3.75 -10.60 -18.95
C MET B 302 -2.90 -9.88 -17.93
N VAL B 303 -1.84 -9.22 -18.41
CA VAL B 303 -0.94 -8.46 -17.53
C VAL B 303 -0.85 -7.03 -18.08
N GLN B 304 -1.22 -6.03 -17.26
CA GLN B 304 -1.22 -4.66 -17.72
C GLN B 304 0.00 -3.92 -17.23
N VAL B 305 0.39 -2.91 -17.99
CA VAL B 305 1.65 -2.22 -17.74
C VAL B 305 1.39 -0.70 -17.75
N GLY B 306 1.66 -0.03 -16.61
CA GLY B 306 1.34 1.39 -16.51
C GLY B 306 2.61 2.23 -16.38
N THR B 307 3.11 2.43 -15.16
CA THR B 307 4.24 3.34 -14.98
C THR B 307 5.41 2.99 -15.93
N ALA B 308 5.78 1.69 -16.02
CA ALA B 308 6.96 1.34 -16.82
C ALA B 308 6.75 1.68 -18.30
N LEU B 309 5.51 1.55 -18.79
CA LEU B 309 5.17 1.93 -20.17
C LEU B 309 5.24 3.44 -20.36
N HIS B 310 4.81 4.19 -19.37
CA HIS B 310 4.99 5.65 -19.47
C HIS B 310 6.45 6.00 -19.65
N GLU B 311 7.34 5.31 -18.93
CA GLU B 311 8.76 5.64 -18.96
C GLU B 311 9.45 5.18 -20.23
N GLU B 312 9.12 3.98 -20.73
CA GLU B 312 9.91 3.38 -21.79
C GLU B 312 9.26 3.50 -23.16
N GLY B 313 7.94 3.71 -23.23
CA GLY B 313 7.22 3.74 -24.49
C GLY B 313 6.88 2.33 -24.97
N ALA B 314 6.17 2.26 -26.08
CA ALA B 314 5.53 1.00 -26.49
C ALA B 314 6.51 -0.09 -26.96
N ALA B 315 7.81 0.20 -27.13
CA ALA B 315 8.76 -0.89 -27.37
C ALA B 315 8.92 -1.78 -26.14
N ILE B 316 8.44 -1.32 -24.98
CA ILE B 316 8.55 -2.18 -23.80
C ILE B 316 7.92 -3.54 -24.09
N PHE B 317 6.90 -3.60 -24.95
CA PHE B 317 6.24 -4.90 -25.11
C PHE B 317 7.12 -5.91 -25.83
N GLU B 318 8.05 -5.44 -26.70
CA GLU B 318 9.01 -6.34 -27.30
C GLU B 318 9.93 -6.92 -26.25
N ARG B 319 10.31 -6.11 -25.28
CA ARG B 319 11.21 -6.59 -24.25
C ARG B 319 10.51 -7.55 -23.30
N LEU B 320 9.27 -7.20 -22.88
CA LEU B 320 8.53 -8.01 -21.93
C LEU B 320 8.16 -9.40 -22.50
N THR B 321 7.77 -9.49 -23.78
CA THR B 321 7.52 -10.82 -24.32
C THR B 321 8.81 -11.63 -24.38
N ALA B 322 9.92 -11.02 -24.85
CA ALA B 322 11.18 -11.77 -24.91
C ALA B 322 11.59 -12.24 -23.52
N GLU B 323 11.45 -11.37 -22.50
CA GLU B 323 11.89 -11.75 -21.16
C GLU B 323 10.98 -12.83 -20.57
N LEU B 324 9.68 -12.74 -20.80
CA LEU B 324 8.79 -13.79 -20.25
C LEU B 324 9.07 -15.14 -20.95
N LEU B 325 9.31 -15.10 -22.24
CA LEU B 325 9.68 -16.32 -22.99
C LEU B 325 11.00 -16.89 -22.47
N ASP B 326 11.92 -16.03 -22.08
CA ASP B 326 13.19 -16.53 -21.52
C ASP B 326 12.97 -17.27 -20.21
N VAL B 327 12.12 -16.71 -19.35
CA VAL B 327 11.76 -17.40 -18.09
C VAL B 327 11.14 -18.75 -18.40
N MET B 328 10.17 -18.78 -19.29
CA MET B 328 9.57 -20.05 -19.56
C MET B 328 10.52 -21.06 -20.22
N ALA B 329 11.42 -20.59 -21.08
CA ALA B 329 12.39 -21.50 -21.69
C ALA B 329 13.24 -22.19 -20.64
N LYS B 330 13.74 -21.45 -19.67
CA LYS B 330 14.60 -22.06 -18.66
C LYS B 330 13.88 -23.08 -17.82
N LYS B 331 12.56 -23.01 -17.73
CA LYS B 331 11.75 -23.93 -16.93
C LYS B 331 11.07 -25.01 -17.76
N GLY B 332 11.21 -24.98 -19.09
CA GLY B 332 10.54 -25.97 -19.92
C GLY B 332 9.09 -25.74 -20.20
N TYR B 333 8.54 -24.56 -19.89
CA TYR B 333 7.13 -24.29 -20.15
C TYR B 333 6.90 -23.89 -21.60
N LYS B 334 5.83 -24.41 -22.19
CA LYS B 334 5.49 -24.12 -23.59
C LYS B 334 4.24 -23.27 -23.76
N ALA B 335 3.47 -23.09 -22.69
CA ALA B 335 2.21 -22.39 -22.73
C ALA B 335 1.97 -21.79 -21.35
N LEU B 336 1.27 -20.65 -21.31
CA LEU B 336 1.07 -20.00 -20.01
C LEU B 336 0.19 -20.84 -19.08
N ASP B 337 -0.76 -21.60 -19.63
CA ASP B 337 -1.60 -22.42 -18.77
C ASP B 337 -0.82 -23.55 -18.07
N GLU B 338 0.42 -23.79 -18.44
CA GLU B 338 1.22 -24.75 -17.68
C GLU B 338 1.56 -24.22 -16.27
N PHE B 339 1.52 -22.90 -16.04
CA PHE B 339 1.79 -22.41 -14.70
C PHE B 339 0.87 -21.32 -14.18
N ARG B 340 -0.11 -20.87 -14.96
CA ARG B 340 -1.01 -19.83 -14.46
C ARG B 340 -1.74 -20.28 -13.21
N GLY B 341 -1.70 -19.47 -12.15
CA GLY B 341 -2.39 -19.82 -10.91
C GLY B 341 -1.70 -20.91 -10.10
N LYS B 342 -0.52 -21.37 -10.53
CA LYS B 342 0.13 -22.50 -9.89
C LYS B 342 1.19 -22.08 -8.88
N VAL B 343 1.11 -20.86 -8.33
CA VAL B 343 2.01 -20.54 -7.22
C VAL B 343 1.92 -21.63 -6.14
N LYS B 344 3.06 -22.05 -5.60
CA LYS B 344 3.12 -23.08 -4.56
C LYS B 344 3.20 -22.47 -3.16
N ALA B 345 2.61 -23.15 -2.18
CA ALA B 345 2.87 -22.79 -0.79
C ALA B 345 4.16 -23.47 -0.27
N MET B 346 4.59 -23.08 0.93
CA MET B 346 5.58 -23.89 1.67
C MET B 346 4.92 -24.84 2.70
N1 FMN C . 5.01 -3.39 14.63
C2 FMN C . 4.40 -3.41 15.89
O2 FMN C . 3.69 -2.48 16.19
N3 FMN C . 4.62 -4.44 16.77
C4 FMN C . 5.45 -5.47 16.41
O4 FMN C . 5.65 -6.38 17.20
C4A FMN C . 6.07 -5.47 15.14
N5 FMN C . 6.91 -6.52 14.76
C5A FMN C . 7.58 -6.47 13.56
C6 FMN C . 8.44 -7.51 13.21
C7 FMN C . 9.10 -7.47 12.00
C7M FMN C . 10.04 -8.60 11.65
C8 FMN C . 8.88 -6.40 11.12
C8M FMN C . 9.55 -6.31 9.79
C9 FMN C . 8.01 -5.35 11.46
C9A FMN C . 7.35 -5.40 12.68
N10 FMN C . 6.47 -4.36 13.04
C10 FMN C . 5.83 -4.42 14.26
C1' FMN C . 6.20 -3.21 12.16
C2' FMN C . 7.35 -2.25 12.25
O2' FMN C . 7.29 -1.70 13.56
C3' FMN C . 7.13 -1.10 11.27
O3' FMN C . 5.86 -0.47 11.54
C4' FMN C . 7.14 -1.61 9.82
O4' FMN C . 8.14 -2.61 9.61
C5' FMN C . 7.35 -0.43 8.89
O5' FMN C . 8.61 0.24 9.13
P FMN C . 9.93 -0.02 8.21
O1P FMN C . 10.22 -1.51 8.34
O2P FMN C . 9.55 0.33 6.78
O3P FMN C . 11.13 0.81 8.61
N1 ORO D . 4.39 -7.80 12.27
C2 ORO D . 4.11 -6.56 11.82
O2 ORO D . 4.55 -6.22 10.74
N3 ORO D . 3.39 -5.72 12.63
C4 ORO D . 2.91 -6.10 13.83
O4 ORO D . 2.26 -5.36 14.54
C5 ORO D . 3.18 -7.39 14.24
C6 ORO D . 3.95 -8.20 13.46
C7 ORO D . 4.16 -9.64 13.89
O71 ORO D . 4.50 -9.98 15.04
O72 ORO D . 3.86 -10.51 13.05
HN1 ORO D . 4.93 -8.43 11.71
HN3 ORO D . 3.20 -4.79 12.33
H5 ORO D . 2.77 -7.75 15.18
S SO4 E . -11.15 10.51 -0.40
O1 SO4 E . -9.68 10.47 -0.29
O2 SO4 E . -11.81 10.00 0.82
O3 SO4 E . -11.57 11.93 -0.61
O4 SO4 E . -11.54 9.67 -1.51
N1 FMN F . -6.35 3.46 -13.80
C2 FMN F . -7.62 3.43 -14.32
O2 FMN F . -8.39 2.46 -14.14
N3 FMN F . -8.09 4.46 -15.13
C4 FMN F . -7.29 5.55 -15.44
O4 FMN F . -7.73 6.45 -16.21
C4A FMN F . -5.98 5.57 -14.92
N5 FMN F . -5.15 6.63 -15.21
C5A FMN F . -3.85 6.60 -14.79
C6 FMN F . -3.00 7.64 -15.14
C7 FMN F . -1.69 7.61 -14.67
C7M FMN F . -0.72 8.69 -15.03
C8 FMN F . -1.24 6.53 -13.92
C8M FMN F . 0.18 6.42 -13.40
C9 FMN F . -2.08 5.49 -13.55
C9A FMN F . -3.39 5.52 -13.98
N10 FMN F . -4.25 4.50 -13.63
C10 FMN F . -5.50 4.49 -14.13
C1' FMN F . -3.81 3.30 -12.83
C2' FMN F . -3.07 2.31 -13.71
O2' FMN F . -4.05 1.80 -14.56
C3' FMN F . -2.51 1.17 -12.84
O3' FMN F . -3.65 0.61 -12.20
C4' FMN F . -1.53 1.64 -11.76
O4' FMN F . -0.74 2.68 -12.25
C5' FMN F . -0.66 0.46 -11.33
O5' FMN F . 0.10 -0.06 -12.43
P FMN F . 1.65 0.22 -12.62
O1P FMN F . 1.81 1.74 -12.84
O2P FMN F . 2.40 -0.17 -11.40
O3P FMN F . 2.16 -0.55 -13.84
N1 ORO G . -5.34 7.97 -11.66
C2 ORO G . -5.22 6.71 -11.13
O2 ORO G . -4.23 6.40 -10.56
N3 ORO G . -6.28 5.84 -11.25
C4 ORO G . -7.41 6.14 -11.86
O4 ORO G . -8.37 5.37 -11.91
C5 ORO G . -7.54 7.41 -12.40
C6 ORO G . -6.46 8.25 -12.31
C7 ORO G . -6.61 9.68 -12.79
O71 ORO G . -7.14 10.01 -13.87
O72 ORO G . -6.21 10.50 -11.92
HN1 ORO G . -4.60 8.63 -11.57
HN3 ORO G . -6.19 4.93 -10.85
H5 ORO G . -8.45 7.73 -12.89
C1 GOL H . 0.80 9.61 -20.17
O1 GOL H . 0.27 8.37 -20.54
C2 GOL H . 0.76 9.78 -18.65
O2 GOL H . 1.95 9.35 -18.01
C3 GOL H . 0.54 11.32 -18.47
O3 GOL H . 1.65 11.81 -17.67
H11 GOL H . 0.31 10.35 -20.57
H12 GOL H . 1.72 9.71 -20.47
HO1 GOL H . 0.88 7.96 -20.96
H2 GOL H . 0.05 9.25 -18.24
HO2 GOL H . 1.79 9.32 -17.17
H31 GOL H . -0.32 11.47 -18.07
H32 GOL H . 0.49 11.72 -19.35
HO3 GOL H . 2.05 11.12 -17.35
C1 GOL I . -26.05 6.04 -6.69
O1 GOL I . -26.22 4.71 -7.14
C2 GOL I . -24.85 6.63 -7.46
O2 GOL I . -24.91 8.01 -7.50
C3 GOL I . -23.62 6.21 -6.68
O3 GOL I . -22.80 7.33 -6.64
H11 GOL I . -25.87 6.09 -5.74
H12 GOL I . -26.84 6.58 -6.85
HO1 GOL I . -25.46 4.33 -7.06
H2 GOL I . -24.86 6.29 -8.37
HO2 GOL I . -24.16 8.33 -7.19
H31 GOL I . -23.22 5.44 -7.11
H32 GOL I . -23.90 5.89 -5.81
HO3 GOL I . -22.01 7.07 -6.88
C1 GOL J . -7.84 19.72 -4.05
O1 GOL J . -9.22 19.51 -4.28
C2 GOL J . -7.25 20.82 -5.04
O2 GOL J . -6.37 21.70 -4.34
C3 GOL J . -6.54 19.91 -6.11
O3 GOL J . -7.00 20.23 -7.43
H11 GOL J . -7.34 18.90 -4.17
H12 GOL J . -7.67 20.01 -3.14
HO1 GOL J . -9.30 19.13 -5.04
H2 GOL J . -7.91 21.40 -5.43
HO2 GOL J . -5.68 21.28 -4.12
H31 GOL J . -6.71 18.99 -5.88
H32 GOL J . -5.58 20.03 -6.02
HO3 GOL J . -7.79 19.88 -7.53
S SO4 K . -7.66 -10.69 8.03
O1 SO4 K . -7.13 -9.79 9.04
O2 SO4 K . -8.99 -10.26 7.59
O3 SO4 K . -6.72 -10.60 6.92
O4 SO4 K . -7.80 -12.08 8.57
S SO4 L . -14.18 -0.20 5.57
O1 SO4 L . -12.76 -0.02 5.91
O2 SO4 L . -14.69 -1.35 6.30
O3 SO4 L . -14.90 1.00 5.97
O4 SO4 L . -14.31 -0.41 4.12
S SO4 M . -14.03 18.35 -10.63
O1 SO4 M . -12.79 18.18 -11.40
O2 SO4 M . -13.79 18.00 -9.23
O3 SO4 M . -14.41 19.76 -10.71
O4 SO4 M . -15.12 17.52 -11.16
#